data_6YE0
#
_entry.id   6YE0
#
_cell.length_a   70.987
_cell.length_b   70.987
_cell.length_c   272.559
_cell.angle_alpha   90.000
_cell.angle_beta   90.000
_cell.angle_gamma   120.000
#
_symmetry.space_group_name_H-M   'P 32 2 1'
#
loop_
_entity.id
_entity.type
_entity.pdbx_description
1 polymer 'Putrescine-binding periplasmic protein'
2 non-polymer 1,4-DIAMINOBUTANE
3 non-polymer (2R)-1-methoxypropan-2-amine
4 non-polymer (2~{R})-1-[(2~{R})-1-(2-methoxyethoxy)propan-2-yl]oxypropan-2-amine
5 non-polymer (2~{S})-1-(2-methoxyethoxy)propan-2-amine
6 water water
#
_entity_poly.entity_id   1
_entity_poly.type   'polypeptide(L)'
_entity_poly.pdbx_seq_one_letter_code
;AEQKTLHIYNWSDYIAPDTVANFEKETGIKVVYDVFDSNEVLEGKLMAGSTGFDLVVPSASFLERQLTAGVFQPLDKSKL
PEWKNLDPELLKLVAKHDPDNKFAMPYMWATTGIGYNVDKVKAVLGENAPVDSWDLILKPENLEKLKSCGVSFLDAPEEV
FATVLNYLGKDPNSTKADDYTGPATDLLLKLRPNIRYFHSSQYINDLANGDICVAIGWAGDVWQASNRAKEAKNGVNVSF
SIPKEGAMAFFDVFAMPADAKNKDEAYQFLNYLLRPDVVAHISDHVFYANANKAATPLVSAEVRENPGIYPPADVRAKLF
TLKVQDPKIDRVRTRAWTKVKSGKLEHHHHHH
;
_entity_poly.pdbx_strand_id   B,A
#
loop_
_chem_comp.id
_chem_comp.type
_chem_comp.name
_chem_comp.formula
JFN non-polymer (2R)-1-methoxypropan-2-amine 'C4 H11 N O'
ONT non-polymer (2~{S})-1-(2-methoxyethoxy)propan-2-amine 'C6 H15 N O2'
ONW non-polymer (2~{R})-1-[(2~{R})-1-(2-methoxyethoxy)propan-2-yl]oxypropan-2-amine 'C9 H21 N O3'
PUT non-polymer 1,4-DIAMINOBUTANE 'C4 H12 N2'
#
# COMPACT_ATOMS: atom_id res chain seq x y z
N GLN A 3 -28.85 -15.17 -1.64
CA GLN A 3 -27.74 -15.16 -0.69
C GLN A 3 -26.92 -13.88 -0.81
N LYS A 4 -27.12 -12.96 0.13
CA LYS A 4 -26.37 -11.71 0.10
C LYS A 4 -25.04 -11.85 0.85
N THR A 5 -24.12 -10.99 0.49
CA THR A 5 -22.80 -11.00 1.08
C THR A 5 -22.60 -9.68 1.86
N LEU A 6 -21.44 -9.54 2.43
CA LEU A 6 -21.06 -8.33 3.15
C LEU A 6 -19.56 -8.22 3.01
N HIS A 7 -19.08 -7.06 2.55
CA HIS A 7 -17.65 -6.80 2.37
C HIS A 7 -17.16 -5.85 3.44
N ILE A 8 -16.15 -6.30 4.20
CA ILE A 8 -15.59 -5.54 5.31
C ILE A 8 -14.08 -5.37 5.08
N TYR A 9 -13.59 -4.15 5.29
CA TYR A 9 -12.18 -3.81 5.23
C TYR A 9 -11.81 -3.21 6.58
N ASN A 10 -10.99 -3.93 7.33
CA ASN A 10 -10.59 -3.55 8.68
C ASN A 10 -9.07 -3.62 8.78
N TRP A 11 -8.55 -3.01 9.83
CA TRP A 11 -7.15 -3.18 10.16
C TRP A 11 -6.84 -4.65 10.34
N SER A 12 -5.61 -5.04 9.99
CA SER A 12 -5.14 -6.38 10.32
C SER A 12 -5.04 -6.51 11.85
N ASP A 13 -5.09 -7.76 12.32
CA ASP A 13 -4.91 -8.05 13.73
C ASP A 13 -5.83 -7.20 14.59
N TYR A 14 -7.14 -7.21 14.22
CA TYR A 14 -8.09 -6.31 14.85
C TYR A 14 -9.50 -6.93 14.97
N ILE A 15 -9.56 -8.25 15.07
CA ILE A 15 -10.84 -8.93 15.25
C ILE A 15 -10.51 -10.27 15.87
N ALA A 16 -11.50 -10.89 16.55
CA ALA A 16 -11.29 -12.21 17.11
C ALA A 16 -11.39 -13.27 16.02
N PRO A 17 -10.77 -14.43 16.23
CA PRO A 17 -10.71 -15.43 15.15
C PRO A 17 -12.06 -15.95 14.71
N ASP A 18 -13.07 -15.89 15.59
CA ASP A 18 -14.37 -16.48 15.30
C ASP A 18 -15.47 -15.45 15.14
N THR A 19 -15.17 -14.14 15.23
CA THR A 19 -16.21 -13.14 15.14
C THR A 19 -17.01 -13.27 13.85
N VAL A 20 -16.30 -13.27 12.70
CA VAL A 20 -17.01 -13.31 11.42
C VAL A 20 -17.79 -14.62 11.29
N ALA A 21 -17.16 -15.75 11.61
CA ALA A 21 -17.82 -17.03 11.47
C ALA A 21 -19.06 -17.10 12.35
N ASN A 22 -18.98 -16.56 13.56
CA ASN A 22 -20.17 -16.56 14.43
C ASN A 22 -21.28 -15.70 13.83
N PHE A 23 -20.93 -14.54 13.31
CA PHE A 23 -21.92 -13.69 12.64
C PHE A 23 -22.53 -14.40 11.43
N GLU A 24 -21.71 -15.04 10.60
CA GLU A 24 -22.24 -15.77 9.45
C GLU A 24 -23.24 -16.84 9.89
N LYS A 25 -22.89 -17.61 10.93
CA LYS A 25 -23.75 -18.72 11.33
C LYS A 25 -25.10 -18.22 11.82
N GLU A 26 -25.13 -17.10 12.54
CA GLU A 26 -26.38 -16.58 13.08
C GLU A 26 -27.26 -15.94 12.01
N THR A 27 -26.64 -15.32 11.00
CA THR A 27 -27.37 -14.49 10.04
C THR A 27 -27.51 -15.14 8.66
N GLY A 28 -26.70 -16.11 8.31
CA GLY A 28 -26.73 -16.64 6.96
C GLY A 28 -26.09 -15.72 5.94
N ILE A 29 -25.49 -14.62 6.38
CA ILE A 29 -24.75 -13.73 5.48
C ILE A 29 -23.35 -14.30 5.30
N LYS A 30 -22.83 -14.20 4.07
CA LYS A 30 -21.45 -14.56 3.82
C LYS A 30 -20.61 -13.29 3.85
N VAL A 31 -19.52 -13.32 4.59
CA VAL A 31 -18.67 -12.14 4.78
C VAL A 31 -17.40 -12.30 3.98
N VAL A 32 -17.08 -11.27 3.22
CA VAL A 32 -15.77 -11.11 2.58
C VAL A 32 -14.99 -10.11 3.43
N TYR A 33 -13.86 -10.57 3.98
CA TYR A 33 -13.11 -9.81 4.97
C TYR A 33 -11.68 -9.63 4.46
N ASP A 34 -11.24 -8.38 4.35
CA ASP A 34 -9.88 -8.05 3.93
C ASP A 34 -9.30 -7.06 4.92
N VAL A 35 -7.95 -6.89 4.88
CA VAL A 35 -7.28 -6.13 5.91
C VAL A 35 -6.26 -5.17 5.35
N PHE A 36 -6.02 -4.08 6.09
CA PHE A 36 -5.00 -3.09 5.76
C PHE A 36 -4.24 -2.74 7.04
N ASP A 37 -3.10 -2.05 6.87
CA ASP A 37 -2.33 -1.56 8.00
C ASP A 37 -1.96 -0.07 7.88
N SER A 38 -2.65 0.68 7.04
CA SER A 38 -2.28 2.04 6.73
C SER A 38 -3.54 2.89 6.55
N ASN A 39 -3.65 4.01 7.32
CA ASN A 39 -4.75 4.96 7.07
C ASN A 39 -4.59 5.61 5.69
N GLU A 40 -3.37 5.77 5.22
CA GLU A 40 -3.13 6.38 3.92
C GLU A 40 -3.63 5.49 2.80
N VAL A 41 -3.42 4.16 2.92
CA VAL A 41 -3.93 3.23 1.91
C VAL A 41 -5.43 3.32 1.82
N LEU A 42 -6.10 3.29 2.99
CA LEU A 42 -7.56 3.37 2.98
C LEU A 42 -8.02 4.74 2.45
N GLU A 43 -7.39 5.82 2.91
CA GLU A 43 -7.80 7.14 2.40
C GLU A 43 -7.66 7.20 0.89
N GLY A 44 -6.56 6.67 0.35
CA GLY A 44 -6.37 6.70 -1.09
C GLY A 44 -7.45 5.97 -1.84
N LYS A 45 -7.84 4.79 -1.34
CA LYS A 45 -8.91 4.04 -1.97
C LYS A 45 -10.22 4.81 -1.95
N LEU A 46 -10.51 5.45 -0.83
CA LEU A 46 -11.79 6.18 -0.70
C LEU A 46 -11.84 7.39 -1.64
N MET A 47 -10.69 8.02 -1.87
CA MET A 47 -10.64 9.22 -2.70
C MET A 47 -10.48 8.91 -4.19
N ALA A 48 -10.07 7.71 -4.55
CA ALA A 48 -9.81 7.38 -5.94
C ALA A 48 -10.99 6.76 -6.67
N GLY A 49 -11.96 6.24 -5.97
CA GLY A 49 -13.09 5.60 -6.61
C GLY A 49 -13.80 4.70 -5.61
N SER A 50 -14.52 3.72 -6.14
CA SER A 50 -15.23 2.82 -5.27
C SER A 50 -14.25 1.93 -4.51
N THR A 51 -14.52 1.72 -3.23
CA THR A 51 -13.68 0.80 -2.46
C THR A 51 -14.08 -0.65 -2.66
N GLY A 52 -15.31 -0.90 -3.11
CA GLY A 52 -15.85 -2.23 -3.15
C GLY A 52 -16.26 -2.80 -1.80
N PHE A 53 -16.24 -2.00 -0.75
CA PHE A 53 -16.59 -2.47 0.60
C PHE A 53 -17.89 -1.84 1.11
N ASP A 54 -18.55 -2.57 2.01
CA ASP A 54 -19.74 -2.11 2.68
C ASP A 54 -19.43 -1.43 4.01
N LEU A 55 -18.29 -1.77 4.61
CA LEU A 55 -17.81 -1.22 5.84
C LEU A 55 -16.30 -1.10 5.76
N VAL A 56 -15.76 0.04 6.23
CA VAL A 56 -14.32 0.29 6.32
C VAL A 56 -14.07 0.93 7.69
N VAL A 57 -12.82 0.89 8.13
CA VAL A 57 -12.53 1.25 9.53
C VAL A 57 -11.36 2.25 9.64
N PRO A 58 -11.55 3.50 9.24
CA PRO A 58 -10.48 4.50 9.40
C PRO A 58 -10.31 4.96 10.83
N SER A 59 -9.13 5.50 11.12
CA SER A 59 -9.01 6.32 12.32
C SER A 59 -9.85 7.59 12.18
N ALA A 60 -10.39 8.07 13.31
CA ALA A 60 -11.38 9.14 13.24
C ALA A 60 -10.79 10.41 12.64
N SER A 61 -9.50 10.69 12.91
CA SER A 61 -8.92 11.94 12.39
C SER A 61 -8.84 11.89 10.86
N PHE A 62 -8.65 10.72 10.29
CA PHE A 62 -8.70 10.58 8.84
C PHE A 62 -10.13 10.65 8.33
N LEU A 63 -11.06 10.06 9.09
CA LEU A 63 -12.45 10.16 8.68
C LEU A 63 -12.90 11.61 8.55
N GLU A 64 -12.41 12.50 9.41
CA GLU A 64 -12.76 13.92 9.26
C GLU A 64 -12.43 14.42 7.86
N ARG A 65 -11.26 14.11 7.36
CA ARG A 65 -10.92 14.57 6.00
C ARG A 65 -11.77 13.87 4.96
N GLN A 66 -12.05 12.59 5.18
CA GLN A 66 -12.84 11.84 4.21
C GLN A 66 -14.26 12.39 4.12
N LEU A 67 -14.80 12.90 5.23
CA LEU A 67 -16.15 13.50 5.18
C LEU A 67 -16.21 14.67 4.20
N THR A 68 -15.14 15.46 4.13
CA THR A 68 -15.19 16.60 3.25
C THR A 68 -15.32 16.18 1.80
N ALA A 69 -15.00 14.93 1.48
CA ALA A 69 -15.16 14.41 0.14
C ALA A 69 -16.50 13.71 -0.05
N GLY A 70 -17.28 13.53 1.00
CA GLY A 70 -18.58 12.93 0.85
C GLY A 70 -18.56 11.44 0.59
N VAL A 71 -17.55 10.71 1.11
CA VAL A 71 -17.40 9.31 0.73
C VAL A 71 -18.22 8.33 1.58
N PHE A 72 -18.84 8.79 2.67
CA PHE A 72 -19.60 7.92 3.56
C PHE A 72 -21.08 8.28 3.58
N GLN A 73 -21.88 7.28 3.94
CA GLN A 73 -23.32 7.47 4.13
C GLN A 73 -23.62 7.75 5.59
N PRO A 74 -24.45 8.73 5.89
CA PRO A 74 -24.81 8.95 7.30
C PRO A 74 -25.56 7.76 7.84
N LEU A 75 -25.24 7.39 9.08
CA LEU A 75 -25.79 6.17 9.67
C LEU A 75 -27.22 6.41 10.12
N ASP A 76 -28.10 5.48 9.74
CA ASP A 76 -29.51 5.50 10.17
C ASP A 76 -29.57 4.96 11.59
N LYS A 77 -29.65 5.86 12.58
CA LYS A 77 -29.56 5.44 13.97
C LYS A 77 -30.78 4.60 14.38
N SER A 78 -31.88 4.75 13.68
CA SER A 78 -33.05 3.88 13.90
C SER A 78 -32.70 2.42 13.63
N LYS A 79 -31.67 2.15 12.82
CA LYS A 79 -31.24 0.81 12.53
C LYS A 79 -30.10 0.36 13.44
N LEU A 80 -29.77 1.13 14.48
CA LEU A 80 -28.69 0.81 15.40
C LEU A 80 -29.21 0.96 16.83
N PRO A 81 -30.14 0.07 17.22
CA PRO A 81 -30.86 0.25 18.48
C PRO A 81 -30.00 0.34 19.73
N GLU A 82 -28.89 -0.39 19.80
CA GLU A 82 -28.01 -0.46 20.96
C GLU A 82 -26.86 0.56 20.90
N TRP A 83 -26.99 1.60 20.07
CA TRP A 83 -25.98 2.66 20.01
C TRP A 83 -25.65 3.21 21.39
N LYS A 84 -26.63 3.25 22.26
CA LYS A 84 -26.47 3.70 23.64
C LYS A 84 -25.40 2.94 24.40
N ASN A 85 -25.04 1.73 23.97
CA ASN A 85 -23.96 1.03 24.65
C ASN A 85 -22.61 1.71 24.51
N LEU A 86 -22.43 2.58 23.49
CA LEU A 86 -21.16 3.22 23.28
C LEU A 86 -20.86 4.24 24.35
N ASP A 87 -19.60 4.31 24.75
CA ASP A 87 -19.18 5.25 25.79
C ASP A 87 -19.42 6.69 25.35
N PRO A 88 -20.22 7.46 26.07
CA PRO A 88 -20.51 8.84 25.61
C PRO A 88 -19.29 9.74 25.58
N GLU A 89 -18.29 9.51 26.43
CA GLU A 89 -17.10 10.33 26.40
C GLU A 89 -16.26 10.06 25.16
N LEU A 90 -16.13 8.80 24.75
CA LEU A 90 -15.43 8.54 23.50
C LEU A 90 -16.23 9.08 22.32
N LEU A 91 -17.56 8.97 22.37
CA LEU A 91 -18.36 9.55 21.29
C LEU A 91 -18.08 11.04 21.16
N LYS A 92 -17.96 11.74 22.30
CA LYS A 92 -17.74 13.18 22.25
C LYS A 92 -16.37 13.50 21.66
N LEU A 93 -15.36 12.71 21.99
CA LEU A 93 -14.05 12.89 21.35
C LEU A 93 -14.10 12.65 19.85
N VAL A 94 -14.80 11.59 19.43
CA VAL A 94 -14.89 11.31 17.99
C VAL A 94 -15.76 12.37 17.29
N ALA A 95 -16.71 12.97 18.00
CA ALA A 95 -17.56 13.99 17.44
C ALA A 95 -16.79 15.24 17.02
N LYS A 96 -15.60 15.44 17.58
CA LYS A 96 -14.75 16.51 17.08
C LYS A 96 -14.41 16.32 15.61
N HIS A 97 -14.31 15.09 15.16
CA HIS A 97 -14.03 14.75 13.76
C HIS A 97 -15.30 14.48 12.96
N ASP A 98 -16.37 14.07 13.64
CA ASP A 98 -17.63 13.62 13.06
C ASP A 98 -18.74 14.25 13.85
N PRO A 99 -19.11 15.51 13.53
CA PRO A 99 -20.06 16.25 14.35
C PRO A 99 -21.36 15.48 14.56
N ASP A 100 -21.79 15.45 15.82
CA ASP A 100 -23.02 14.78 16.21
C ASP A 100 -23.01 13.30 15.85
N ASN A 101 -21.83 12.72 15.70
CA ASN A 101 -21.62 11.32 15.47
C ASN A 101 -22.51 10.79 14.35
N LYS A 102 -22.50 11.48 13.21
CA LYS A 102 -23.43 11.12 12.14
C LYS A 102 -22.97 9.95 11.29
N PHE A 103 -21.67 9.72 11.17
CA PHE A 103 -21.13 8.80 10.18
C PHE A 103 -20.36 7.63 10.74
N ALA A 104 -19.83 7.74 11.94
CA ALA A 104 -18.82 6.78 12.43
C ALA A 104 -19.27 6.11 13.72
N MET A 105 -19.05 4.79 13.79
CA MET A 105 -19.34 4.02 15.02
C MET A 105 -18.00 3.68 15.67
N PRO A 106 -17.66 4.28 16.82
CA PRO A 106 -16.38 3.90 17.47
C PRO A 106 -16.29 2.41 17.75
N TYR A 107 -15.12 1.85 17.45
CA TYR A 107 -14.86 0.42 17.50
C TYR A 107 -13.85 0.11 18.60
N MET A 108 -12.60 0.52 18.43
CA MET A 108 -11.50 0.30 19.39
C MET A 108 -10.73 1.60 19.50
N TRP A 109 -9.94 1.74 20.56
CA TRP A 109 -9.03 2.90 20.66
C TRP A 109 -7.79 2.50 21.42
N ALA A 110 -6.67 3.20 21.12
CA ALA A 110 -5.43 2.93 21.84
C ALA A 110 -4.49 4.13 21.63
N THR A 111 -3.21 3.91 21.91
CA THR A 111 -2.20 4.94 21.85
C THR A 111 -1.04 4.46 21.01
N THR A 112 -0.26 5.43 20.54
CA THR A 112 0.97 5.18 19.80
C THR A 112 2.13 5.42 20.75
N GLY A 113 2.79 4.32 21.15
CA GLY A 113 3.80 4.34 22.16
C GLY A 113 5.00 3.52 21.76
N ILE A 114 5.67 2.92 22.75
CA ILE A 114 6.92 2.19 22.52
C ILE A 114 6.70 0.75 22.91
N GLY A 115 6.90 -0.15 21.98
CA GLY A 115 7.01 -1.57 22.28
C GLY A 115 8.46 -1.99 22.35
N TYR A 116 8.77 -2.90 23.27
CA TYR A 116 10.18 -3.25 23.41
C TYR A 116 10.37 -4.61 24.06
N ASN A 117 11.55 -5.19 23.81
CA ASN A 117 11.95 -6.45 24.42
C ASN A 117 12.57 -6.15 25.78
N VAL A 118 11.91 -6.62 26.84
CA VAL A 118 12.35 -6.26 28.18
C VAL A 118 13.80 -6.67 28.40
N ASP A 119 14.11 -7.93 28.09
CA ASP A 119 15.44 -8.44 28.43
C ASP A 119 16.52 -7.78 27.58
N LYS A 120 16.23 -7.55 26.30
CA LYS A 120 17.24 -6.95 25.43
C LYS A 120 17.46 -5.48 25.77
N VAL A 121 16.40 -4.76 26.11
CA VAL A 121 16.59 -3.35 26.44
C VAL A 121 17.41 -3.20 27.70
N LYS A 122 17.18 -4.06 28.69
CA LYS A 122 17.97 -3.98 29.91
C LYS A 122 19.39 -4.45 29.66
N ALA A 123 19.57 -5.41 28.76
CA ALA A 123 20.93 -5.83 28.42
C ALA A 123 21.72 -4.67 27.82
N VAL A 124 21.09 -3.88 26.96
CA VAL A 124 21.79 -2.82 26.24
C VAL A 124 21.87 -1.55 27.07
N LEU A 125 20.75 -1.09 27.63
CA LEU A 125 20.71 0.20 28.30
C LEU A 125 20.71 0.10 29.84
N GLY A 126 20.69 -1.10 30.40
CA GLY A 126 20.76 -1.25 31.84
C GLY A 126 19.39 -1.33 32.48
N GLU A 127 19.39 -1.69 33.77
CA GLU A 127 18.15 -1.83 34.50
C GLU A 127 17.41 -0.52 34.65
N ASN A 128 18.13 0.62 34.61
CA ASN A 128 17.50 1.94 34.68
C ASN A 128 17.20 2.53 33.30
N ALA A 129 17.10 1.69 32.28
CA ALA A 129 16.74 2.19 30.95
C ALA A 129 15.46 3.02 31.06
N PRO A 130 15.37 4.16 30.36
CA PRO A 130 14.19 5.05 30.51
C PRO A 130 13.00 4.57 29.69
N VAL A 131 12.47 3.40 30.05
CA VAL A 131 11.38 2.81 29.31
C VAL A 131 10.07 3.56 29.50
N ASP A 132 10.05 4.55 30.39
CA ASP A 132 8.89 5.39 30.64
C ASP A 132 8.97 6.72 29.89
N SER A 133 9.86 6.82 28.90
CA SER A 133 10.13 8.08 28.24
C SER A 133 10.39 7.88 26.77
N TRP A 134 9.93 8.82 25.95
CA TRP A 134 10.31 8.81 24.55
C TRP A 134 11.82 8.94 24.35
N ASP A 135 12.57 9.30 25.41
CA ASP A 135 14.01 9.27 25.32
C ASP A 135 14.54 7.92 24.90
N LEU A 136 13.79 6.86 25.22
CA LEU A 136 14.29 5.52 24.92
C LEU A 136 14.61 5.36 23.43
N ILE A 137 13.83 5.99 22.56
CA ILE A 137 14.02 5.81 21.12
C ILE A 137 14.20 7.11 20.37
N LEU A 138 13.89 8.27 20.94
CA LEU A 138 14.03 9.52 20.24
C LEU A 138 15.28 10.29 20.66
N LYS A 139 16.05 9.76 21.61
CA LYS A 139 17.36 10.29 21.93
C LYS A 139 18.42 9.56 21.10
N PRO A 140 19.13 10.23 20.20
CA PRO A 140 20.04 9.50 19.31
C PRO A 140 21.04 8.61 20.03
N GLU A 141 21.51 9.03 21.20
CA GLU A 141 22.49 8.23 21.93
C GLU A 141 21.91 6.87 22.31
N ASN A 142 20.61 6.83 22.64
CA ASN A 142 19.99 5.57 22.99
C ASN A 142 19.68 4.72 21.77
N LEU A 143 19.14 5.34 20.71
CA LEU A 143 18.77 4.55 19.54
C LEU A 143 19.99 3.94 18.87
N GLU A 144 21.14 4.59 18.96
CA GLU A 144 22.38 4.02 18.42
C GLU A 144 22.77 2.71 19.09
N LYS A 145 22.51 2.59 20.40
CA LYS A 145 22.81 1.34 21.09
C LYS A 145 21.75 0.27 20.82
N LEU A 146 20.48 0.67 20.73
CA LEU A 146 19.42 -0.32 20.53
C LEU A 146 19.42 -0.88 19.12
N LYS A 147 20.07 -0.21 18.18
CA LYS A 147 20.23 -0.78 16.84
C LYS A 147 20.80 -2.19 16.89
N SER A 148 21.57 -2.51 17.93
CA SER A 148 22.19 -3.84 18.02
C SER A 148 21.14 -4.94 17.91
N CYS A 149 19.91 -4.68 18.38
CA CYS A 149 18.88 -5.71 18.36
C CYS A 149 17.68 -5.31 17.52
N GLY A 150 17.75 -4.18 16.80
CA GLY A 150 16.72 -3.85 15.81
C GLY A 150 15.69 -2.80 16.23
N VAL A 151 15.49 -1.79 15.37
CA VAL A 151 14.57 -0.67 15.61
C VAL A 151 13.60 -0.55 14.43
N SER A 152 12.31 -0.39 14.72
CA SER A 152 11.31 -0.10 13.70
C SER A 152 10.45 1.09 14.11
N PHE A 153 10.02 1.86 13.11
CA PHE A 153 9.05 2.94 13.30
C PHE A 153 7.81 2.62 12.48
N LEU A 154 6.64 3.05 12.97
CA LEU A 154 5.44 2.95 12.16
C LEU A 154 5.62 3.67 10.84
N ASP A 155 5.02 3.12 9.79
CA ASP A 155 4.89 3.85 8.53
C ASP A 155 3.63 4.72 8.55
N ALA A 156 3.60 5.64 9.52
CA ALA A 156 2.40 6.42 9.85
C ALA A 156 2.83 7.87 9.97
N PRO A 157 2.93 8.58 8.84
CA PRO A 157 3.55 9.93 8.88
C PRO A 157 2.92 10.91 9.82
N GLU A 158 1.58 11.00 9.86
CA GLU A 158 0.96 11.99 10.73
C GLU A 158 1.21 11.65 12.19
N GLU A 159 1.25 10.35 12.52
CA GLU A 159 1.47 9.94 13.90
C GLU A 159 2.91 10.16 14.33
N VAL A 160 3.85 9.83 13.46
CA VAL A 160 5.26 9.95 13.83
C VAL A 160 5.65 11.43 13.98
N PHE A 161 5.19 12.28 13.06
CA PHE A 161 5.51 13.69 13.18
C PHE A 161 4.85 14.33 14.40
N ALA A 162 3.60 13.96 14.71
CA ALA A 162 2.98 14.49 15.91
C ALA A 162 3.74 14.06 17.14
N THR A 163 4.18 12.81 17.17
CA THR A 163 4.96 12.31 18.29
C THR A 163 6.27 13.06 18.44
N VAL A 164 7.00 13.29 17.33
CA VAL A 164 8.27 14.01 17.38
C VAL A 164 8.05 15.46 17.80
N LEU A 165 7.04 16.12 17.25
CA LEU A 165 6.77 17.51 17.63
C LEU A 165 6.49 17.62 19.12
N ASN A 166 5.67 16.73 19.65
CA ASN A 166 5.40 16.74 21.08
C ASN A 166 6.67 16.54 21.88
N TYR A 167 7.48 15.57 21.47
CA TYR A 167 8.75 15.32 22.15
C TYR A 167 9.63 16.55 22.16
N LEU A 168 9.57 17.33 21.09
CA LEU A 168 10.38 18.54 20.98
C LEU A 168 9.76 19.74 21.70
N GLY A 169 8.65 19.55 22.39
CA GLY A 169 8.03 20.66 23.07
C GLY A 169 7.22 21.57 22.16
N LYS A 170 6.90 21.13 20.97
CA LYS A 170 6.06 21.85 20.03
C LYS A 170 4.62 21.37 20.16
N ASP A 171 3.72 22.16 19.62
CA ASP A 171 2.35 21.71 19.44
C ASP A 171 2.34 20.43 18.61
N PRO A 172 1.79 19.30 19.11
CA PRO A 172 1.78 18.09 18.30
C PRO A 172 1.13 18.29 16.94
N ASN A 173 0.21 19.23 16.83
CA ASN A 173 -0.46 19.57 15.58
C ASN A 173 -0.02 20.94 15.08
N SER A 174 1.27 21.21 15.22
CA SER A 174 1.80 22.51 14.82
C SER A 174 1.36 22.87 13.41
N THR A 175 1.00 24.14 13.22
CA THR A 175 0.66 24.67 11.92
C THR A 175 1.77 25.53 11.30
N LYS A 176 2.97 25.50 11.89
CA LYS A 176 4.11 26.23 11.35
C LYS A 176 4.98 25.26 10.56
N ALA A 177 5.13 25.53 9.25
CA ALA A 177 5.84 24.59 8.38
C ALA A 177 7.26 24.36 8.85
N ASP A 178 7.93 25.41 9.37
CA ASP A 178 9.32 25.28 9.75
C ASP A 178 9.53 24.24 10.85
N ASP A 179 8.50 24.00 11.68
CA ASP A 179 8.61 22.95 12.68
C ASP A 179 8.83 21.59 12.03
N TYR A 180 8.19 21.36 10.88
CA TYR A 180 8.34 20.09 10.17
C TYR A 180 9.64 20.01 9.39
N THR A 181 9.97 21.07 8.62
CA THR A 181 11.15 21.07 7.79
C THR A 181 12.42 21.31 8.60
N GLY A 182 12.32 21.91 9.76
CA GLY A 182 13.46 22.15 10.59
C GLY A 182 13.63 21.11 11.67
N PRO A 183 13.22 21.46 12.89
CA PRO A 183 13.59 20.61 14.04
C PRO A 183 13.04 19.20 13.97
N ALA A 184 11.81 19.01 13.49
CA ALA A 184 11.26 17.66 13.42
C ALA A 184 12.07 16.81 12.43
N THR A 185 12.35 17.36 11.25
CA THR A 185 13.17 16.65 10.29
C THR A 185 14.58 16.45 10.79
N ASP A 186 15.18 17.47 11.39
CA ASP A 186 16.54 17.34 11.92
C ASP A 186 16.65 16.16 12.87
N LEU A 187 15.71 16.03 13.81
CA LEU A 187 15.81 14.93 14.75
C LEU A 187 15.58 13.58 14.06
N LEU A 188 14.57 13.50 13.18
CA LEU A 188 14.31 12.23 12.51
C LEU A 188 15.50 11.77 11.67
N LEU A 189 16.19 12.70 10.99
CA LEU A 189 17.35 12.32 10.20
C LEU A 189 18.53 11.94 11.09
N LYS A 190 18.65 12.54 12.26
CA LYS A 190 19.67 12.08 13.19
C LYS A 190 19.37 10.67 13.68
N LEU A 191 18.09 10.32 13.81
CA LEU A 191 17.73 8.98 14.23
C LEU A 191 17.73 7.98 13.07
N ARG A 192 17.47 8.47 11.85
CA ARG A 192 17.24 7.59 10.71
C ARG A 192 18.31 6.51 10.53
N PRO A 193 19.62 6.77 10.69
CA PRO A 193 20.58 5.69 10.46
C PRO A 193 20.37 4.47 11.34
N ASN A 194 19.67 4.59 12.46
CA ASN A 194 19.52 3.48 13.38
C ASN A 194 18.23 2.70 13.21
N ILE A 195 17.35 3.13 12.32
CA ILE A 195 16.05 2.52 12.13
C ILE A 195 16.17 1.45 11.06
N ARG A 196 15.82 0.21 11.41
CA ARG A 196 15.94 -0.86 10.43
C ARG A 196 14.87 -0.73 9.35
N TYR A 197 13.64 -0.42 9.74
CA TYR A 197 12.60 -0.23 8.74
C TYR A 197 11.46 0.60 9.28
N PHE A 198 10.67 1.13 8.34
CA PHE A 198 9.40 1.80 8.63
C PHE A 198 8.29 0.85 8.18
N HIS A 199 7.55 0.31 9.14
CA HIS A 199 6.45 -0.58 8.77
C HIS A 199 5.46 -0.64 9.91
N SER A 200 4.18 -0.81 9.57
CA SER A 200 3.10 -0.75 10.54
C SER A 200 2.46 -2.07 10.85
N SER A 201 3.06 -3.22 10.42
CA SER A 201 2.53 -4.51 10.85
C SER A 201 3.59 -5.59 11.06
N GLN A 202 4.69 -5.54 10.31
CA GLN A 202 5.74 -6.54 10.47
C GLN A 202 6.34 -6.52 11.88
N TYR A 203 6.28 -5.38 12.57
CA TYR A 203 6.92 -5.28 13.88
C TYR A 203 6.27 -6.16 14.94
N ILE A 204 5.02 -6.60 14.73
CA ILE A 204 4.35 -7.43 15.73
C ILE A 204 5.08 -8.77 15.87
N ASN A 205 5.15 -9.53 14.78
CA ASN A 205 5.83 -10.82 14.87
C ASN A 205 7.31 -10.66 15.11
N ASP A 206 7.90 -9.57 14.66
CA ASP A 206 9.34 -9.38 14.90
C ASP A 206 9.61 -9.17 16.38
N LEU A 207 8.79 -8.36 17.05
CA LEU A 207 8.88 -8.27 18.50
C LEU A 207 8.65 -9.63 19.14
N ALA A 208 7.64 -10.36 18.69
CA ALA A 208 7.26 -11.62 19.31
C ALA A 208 8.37 -12.65 19.17
N ASN A 209 9.06 -12.64 18.04
CA ASN A 209 10.14 -13.60 17.76
C ASN A 209 11.50 -13.10 18.18
N GLY A 210 11.61 -11.85 18.65
CA GLY A 210 12.87 -11.34 19.11
C GLY A 210 13.79 -10.82 18.04
N ASP A 211 13.28 -10.52 16.85
CA ASP A 211 14.08 -9.98 15.76
C ASP A 211 14.22 -8.46 15.82
N ILE A 212 13.29 -7.74 16.45
CA ILE A 212 13.53 -6.35 16.80
C ILE A 212 13.31 -6.23 18.31
N CYS A 213 14.00 -5.26 18.93
CA CYS A 213 13.86 -5.08 20.37
C CYS A 213 13.18 -3.79 20.77
N VAL A 214 12.96 -2.87 19.84
CA VAL A 214 12.21 -1.65 20.18
C VAL A 214 11.52 -1.12 18.93
N ALA A 215 10.32 -0.58 19.10
CA ALA A 215 9.50 -0.09 18.01
C ALA A 215 8.56 1.01 18.47
N ILE A 216 8.35 2.01 17.63
CA ILE A 216 7.10 2.79 17.72
C ILE A 216 5.98 1.92 17.23
N GLY A 217 4.96 1.72 18.06
CA GLY A 217 3.93 0.76 17.75
C GLY A 217 2.61 1.15 18.39
N TRP A 218 1.57 0.52 17.89
CA TRP A 218 0.25 0.65 18.44
C TRP A 218 0.07 -0.30 19.61
N ALA A 219 -0.54 0.22 20.67
CA ALA A 219 -0.53 -0.48 21.97
C ALA A 219 -0.98 -1.93 21.85
N GLY A 220 -2.19 -2.18 21.37
CA GLY A 220 -2.69 -3.53 21.30
C GLY A 220 -1.89 -4.44 20.41
N ASP A 221 -1.29 -3.88 19.33
CA ASP A 221 -0.40 -4.66 18.51
C ASP A 221 0.74 -5.21 19.35
N VAL A 222 1.33 -4.36 20.18
CA VAL A 222 2.47 -4.79 20.98
C VAL A 222 2.03 -5.81 22.01
N TRP A 223 0.86 -5.59 22.64
CA TRP A 223 0.38 -6.56 23.61
C TRP A 223 0.08 -7.91 22.93
N GLN A 224 -0.37 -7.89 21.66
CA GLN A 224 -0.51 -9.14 20.93
C GLN A 224 0.85 -9.80 20.76
N ALA A 225 1.85 -9.03 20.36
CA ALA A 225 3.19 -9.60 20.21
C ALA A 225 3.64 -10.26 21.51
N SER A 226 3.43 -9.56 22.64
CA SER A 226 3.81 -10.12 23.93
C SER A 226 3.09 -11.45 24.19
N ASN A 227 1.80 -11.51 23.90
CA ASN A 227 1.04 -12.72 24.15
C ASN A 227 1.48 -13.85 23.21
N ARG A 228 1.79 -13.51 21.95
CA ARG A 228 2.27 -14.51 21.02
C ARG A 228 3.57 -15.14 21.49
N ALA A 229 4.48 -14.32 22.02
CA ALA A 229 5.75 -14.85 22.54
C ALA A 229 5.50 -15.78 23.72
N LYS A 230 4.62 -15.38 24.64
CA LYS A 230 4.37 -16.23 25.80
C LYS A 230 3.76 -17.56 25.39
N GLU A 231 2.79 -17.54 24.49
CA GLU A 231 2.17 -18.78 24.05
C GLU A 231 3.15 -19.66 23.28
N ALA A 232 4.12 -19.04 22.59
CA ALA A 232 5.15 -19.82 21.93
C ALA A 232 6.16 -20.40 22.91
N LYS A 233 6.16 -19.91 24.15
CA LYS A 233 7.12 -20.35 25.16
C LYS A 233 8.54 -20.23 24.62
N ASN A 234 8.83 -19.09 24.00
CA ASN A 234 10.13 -18.84 23.39
C ASN A 234 11.02 -17.96 24.25
N GLY A 235 10.59 -17.62 25.46
CA GLY A 235 11.40 -16.83 26.35
C GLY A 235 11.46 -15.35 26.05
N VAL A 236 10.73 -14.87 25.06
CA VAL A 236 10.76 -13.45 24.70
C VAL A 236 9.74 -12.70 25.56
N ASN A 237 10.19 -11.64 26.22
CA ASN A 237 9.37 -10.84 27.12
C ASN A 237 9.18 -9.46 26.50
N VAL A 238 7.99 -9.20 25.96
CA VAL A 238 7.70 -7.94 25.29
C VAL A 238 6.80 -7.13 26.19
N SER A 239 7.04 -5.83 26.25
CA SER A 239 6.18 -4.90 26.99
C SER A 239 5.91 -3.67 26.14
N PHE A 240 5.03 -2.81 26.64
CA PHE A 240 4.64 -1.60 25.94
C PHE A 240 4.63 -0.45 26.95
N SER A 241 5.01 0.72 26.47
CA SER A 241 5.02 1.91 27.33
C SER A 241 4.27 3.05 26.67
N ILE A 242 3.38 3.69 27.45
CA ILE A 242 2.83 5.01 27.16
C ILE A 242 3.74 6.03 27.83
N PRO A 243 4.63 6.71 27.09
CA PRO A 243 5.71 7.46 27.77
C PRO A 243 5.21 8.64 28.56
N LYS A 244 6.06 9.08 29.52
CA LYS A 244 5.69 10.10 30.47
C LYS A 244 5.42 11.46 29.81
N GLU A 245 6.01 11.70 28.64
CA GLU A 245 5.81 12.98 27.96
C GLU A 245 4.48 13.05 27.22
N GLY A 246 3.67 12.01 27.29
CA GLY A 246 2.43 11.97 26.53
C GLY A 246 2.61 11.17 25.26
N ALA A 247 1.46 10.91 24.61
CA ALA A 247 1.46 10.09 23.41
C ALA A 247 0.19 10.38 22.67
N MET A 248 0.18 10.01 21.39
CA MET A 248 -1.01 10.16 20.59
C MET A 248 -2.05 9.07 20.89
N ALA A 249 -3.27 9.46 21.01
CA ALA A 249 -4.42 8.55 21.08
C ALA A 249 -5.11 8.55 19.73
N PHE A 250 -5.63 7.39 19.35
CA PHE A 250 -6.42 7.27 18.13
C PHE A 250 -7.68 6.47 18.43
N PHE A 251 -8.73 6.72 17.63
CA PHE A 251 -10.03 6.12 17.78
C PHE A 251 -10.41 5.58 16.41
N ASP A 252 -10.41 4.27 16.27
CA ASP A 252 -10.77 3.66 15.00
C ASP A 252 -12.27 3.40 14.98
N VAL A 253 -12.88 3.70 13.84
CA VAL A 253 -14.31 3.77 13.72
C VAL A 253 -14.77 3.03 12.47
N PHE A 254 -15.91 2.31 12.59
CA PHE A 254 -16.59 1.75 11.42
C PHE A 254 -17.35 2.85 10.71
N ALA A 255 -17.28 2.84 9.39
CA ALA A 255 -18.02 3.78 8.56
C ALA A 255 -18.49 3.02 7.33
N MET A 256 -19.51 3.54 6.70
CA MET A 256 -20.19 2.89 5.61
C MET A 256 -19.99 3.71 4.36
N PRO A 257 -19.21 3.22 3.38
CA PRO A 257 -19.07 3.96 2.13
C PRO A 257 -20.42 4.25 1.50
N ALA A 258 -20.51 5.44 0.89
CA ALA A 258 -21.78 5.89 0.36
C ALA A 258 -22.29 4.94 -0.73
N ASP A 259 -21.40 4.28 -1.45
CA ASP A 259 -21.84 3.40 -2.52
C ASP A 259 -21.92 1.95 -2.09
N ALA A 260 -21.93 1.68 -0.79
CA ALA A 260 -22.02 0.32 -0.31
C ALA A 260 -23.22 -0.42 -0.89
N LYS A 261 -22.98 -1.64 -1.38
CA LYS A 261 -24.02 -2.38 -2.06
C LYS A 261 -25.00 -2.99 -1.07
N ASN A 262 -24.50 -3.46 0.07
CA ASN A 262 -25.30 -4.26 0.99
C ASN A 262 -25.37 -3.56 2.35
N LYS A 263 -26.07 -2.43 2.37
CA LYS A 263 -26.14 -1.63 3.59
C LYS A 263 -26.96 -2.33 4.67
N ASP A 264 -28.03 -3.01 4.31
CA ASP A 264 -28.81 -3.71 5.34
C ASP A 264 -27.94 -4.72 6.09
N GLU A 265 -27.14 -5.50 5.34
CA GLU A 265 -26.24 -6.46 5.97
C GLU A 265 -25.18 -5.73 6.79
N ALA A 266 -24.70 -4.58 6.30
CA ALA A 266 -23.75 -3.79 7.07
C ALA A 266 -24.33 -3.39 8.42
N TYR A 267 -25.56 -2.90 8.43
CA TYR A 267 -26.20 -2.56 9.71
C TYR A 267 -26.31 -3.78 10.62
N GLN A 268 -26.61 -4.95 10.05
CA GLN A 268 -26.67 -6.14 10.89
C GLN A 268 -25.32 -6.40 11.55
N PHE A 269 -24.23 -6.19 10.82
CA PHE A 269 -22.91 -6.42 11.40
C PHE A 269 -22.57 -5.35 12.46
N LEU A 270 -22.92 -4.09 12.23
CA LEU A 270 -22.69 -3.06 13.27
C LEU A 270 -23.46 -3.38 14.55
N ASN A 271 -24.73 -3.79 14.41
CA ASN A 271 -25.50 -4.18 15.58
C ASN A 271 -24.90 -5.37 16.29
N TYR A 272 -24.35 -6.32 15.51
CA TYR A 272 -23.64 -7.43 16.12
C TYR A 272 -22.45 -6.94 16.94
N LEU A 273 -21.69 -5.96 16.41
CA LEU A 273 -20.57 -5.40 17.15
C LEU A 273 -21.00 -4.60 18.38
N LEU A 274 -22.20 -4.03 18.38
CA LEU A 274 -22.68 -3.28 19.52
C LEU A 274 -23.09 -4.19 20.66
N ARG A 275 -23.22 -5.49 20.42
CA ARG A 275 -23.51 -6.43 21.54
C ARG A 275 -22.33 -6.47 22.49
N PRO A 276 -22.52 -6.22 23.78
CA PRO A 276 -21.36 -6.15 24.68
C PRO A 276 -20.51 -7.41 24.67
N ASP A 277 -21.14 -8.58 24.55
CA ASP A 277 -20.37 -9.81 24.60
C ASP A 277 -19.52 -9.99 23.36
N VAL A 278 -20.03 -9.56 22.21
CA VAL A 278 -19.27 -9.70 20.95
C VAL A 278 -18.02 -8.83 20.98
N VAL A 279 -18.16 -7.56 21.37
CA VAL A 279 -17.01 -6.66 21.28
C VAL A 279 -16.05 -6.90 22.45
N ALA A 280 -16.54 -7.34 23.62
CA ALA A 280 -15.64 -7.71 24.70
C ALA A 280 -14.77 -8.90 24.31
N HIS A 281 -15.35 -9.88 23.61
CA HIS A 281 -14.61 -11.02 23.12
C HIS A 281 -13.49 -10.59 22.17
N ILE A 282 -13.75 -9.60 21.33
CA ILE A 282 -12.70 -9.07 20.43
C ILE A 282 -11.57 -8.46 21.26
N SER A 283 -11.90 -7.59 22.20
CA SER A 283 -10.88 -7.00 23.05
C SER A 283 -10.05 -8.06 23.73
N ASP A 284 -10.69 -9.17 24.17
CA ASP A 284 -9.95 -10.23 24.82
C ASP A 284 -8.85 -10.80 23.91
N HIS A 285 -9.08 -10.83 22.62
CA HIS A 285 -8.11 -11.45 21.70
C HIS A 285 -7.12 -10.48 21.07
N VAL A 286 -7.50 -9.22 20.85
CA VAL A 286 -6.60 -8.27 20.19
C VAL A 286 -5.96 -7.30 21.17
N PHE A 287 -6.37 -7.31 22.44
CA PHE A 287 -5.70 -6.52 23.49
C PHE A 287 -5.86 -5.04 23.22
N TYR A 288 -7.04 -4.66 22.74
CA TYR A 288 -7.43 -3.27 22.56
C TYR A 288 -8.65 -2.96 23.40
N ALA A 289 -8.70 -1.76 23.93
CA ALA A 289 -9.90 -1.27 24.56
C ALA A 289 -10.95 -1.00 23.49
N ASN A 290 -12.16 -1.49 23.72
CA ASN A 290 -13.27 -1.17 22.85
C ASN A 290 -13.92 0.11 23.31
N ALA A 291 -14.87 0.61 22.53
CA ALA A 291 -15.55 1.86 22.79
C ALA A 291 -16.93 1.69 23.38
N ASN A 292 -17.23 0.49 23.90
CA ASN A 292 -18.53 0.05 24.36
C ASN A 292 -18.51 0.02 25.88
N LYS A 293 -19.21 0.98 26.49
CA LYS A 293 -19.21 1.06 27.96
C LYS A 293 -19.91 -0.14 28.57
N ALA A 294 -20.96 -0.62 27.93
CA ALA A 294 -21.67 -1.81 28.40
C ALA A 294 -20.83 -3.08 28.31
N ALA A 295 -19.78 -3.08 27.48
CA ALA A 295 -18.97 -4.28 27.29
C ALA A 295 -17.88 -4.41 28.34
N THR A 296 -17.52 -3.32 29.01
CA THR A 296 -16.34 -3.34 29.87
C THR A 296 -16.38 -4.44 30.95
N PRO A 297 -17.49 -4.68 31.64
CA PRO A 297 -17.48 -5.75 32.65
C PRO A 297 -17.21 -7.14 32.07
N LEU A 298 -17.41 -7.33 30.78
CA LEU A 298 -17.17 -8.62 30.16
C LEU A 298 -15.73 -8.79 29.69
N VAL A 299 -14.96 -7.71 29.62
CA VAL A 299 -13.58 -7.82 29.13
C VAL A 299 -12.75 -8.59 30.15
N SER A 300 -11.85 -9.43 29.67
CA SER A 300 -11.01 -10.21 30.58
C SER A 300 -10.20 -9.29 31.49
N ALA A 301 -9.96 -9.75 32.71
CA ALA A 301 -9.17 -8.97 33.65
C ALA A 301 -7.81 -8.63 33.07
N GLU A 302 -7.20 -9.57 32.35
CA GLU A 302 -5.86 -9.36 31.83
C GLU A 302 -5.82 -8.13 30.92
N VAL A 303 -6.88 -7.92 30.13
CA VAL A 303 -6.93 -6.79 29.21
C VAL A 303 -7.41 -5.54 29.91
N ARG A 304 -8.52 -5.66 30.65
CA ARG A 304 -9.18 -4.49 31.21
CA ARG A 304 -9.19 -4.49 31.21
C ARG A 304 -8.33 -3.80 32.27
N GLU A 305 -7.53 -4.57 33.00
CA GLU A 305 -6.69 -4.01 34.06
C GLU A 305 -5.29 -3.66 33.58
N ASN A 306 -5.01 -3.76 32.30
CA ASN A 306 -3.70 -3.37 31.76
C ASN A 306 -3.70 -1.86 31.54
N PRO A 307 -2.88 -1.11 32.29
CA PRO A 307 -2.87 0.35 32.13
C PRO A 307 -2.28 0.81 30.81
N GLY A 308 -1.71 -0.07 30.03
CA GLY A 308 -1.29 0.20 28.66
C GLY A 308 -2.36 -0.06 27.64
N ILE A 309 -3.53 -0.51 28.09
CA ILE A 309 -4.68 -0.76 27.22
C ILE A 309 -5.84 0.11 27.61
N TYR A 310 -6.23 0.08 28.89
CA TYR A 310 -7.22 0.96 29.48
C TYR A 310 -6.50 1.89 30.46
N PRO A 311 -5.90 2.97 30.00
CA PRO A 311 -5.01 3.76 30.86
C PRO A 311 -5.79 4.58 31.87
N PRO A 312 -5.18 4.88 33.01
CA PRO A 312 -5.85 5.63 34.06
C PRO A 312 -5.93 7.11 33.71
N ALA A 313 -6.67 7.83 34.55
CA ALA A 313 -7.02 9.21 34.22
C ALA A 313 -5.79 10.08 34.09
N ASP A 314 -4.80 9.87 34.96
CA ASP A 314 -3.60 10.69 34.93
C ASP A 314 -2.82 10.48 33.65
N VAL A 315 -2.90 9.28 33.07
CA VAL A 315 -2.24 9.02 31.80
C VAL A 315 -3.07 9.59 30.65
N ARG A 316 -4.40 9.39 30.70
CA ARG A 316 -5.24 9.93 29.63
C ARG A 316 -5.07 11.45 29.51
N ALA A 317 -4.79 12.11 30.62
CA ALA A 317 -4.66 13.56 30.61
C ALA A 317 -3.44 14.04 29.83
N LYS A 318 -2.48 13.15 29.54
CA LYS A 318 -1.31 13.51 28.77
C LYS A 318 -1.42 13.10 27.32
N LEU A 319 -2.55 12.56 26.87
CA LEU A 319 -2.66 12.11 25.49
C LEU A 319 -3.16 13.23 24.62
N PHE A 320 -2.70 13.23 23.37
CA PHE A 320 -3.17 14.19 22.38
C PHE A 320 -3.73 13.44 21.20
N THR A 321 -4.49 14.13 20.38
CA THR A 321 -5.09 13.58 19.17
C THR A 321 -4.73 14.43 17.97
N LEU A 322 -4.78 13.79 16.80
CA LEU A 322 -4.44 14.48 15.56
C LEU A 322 -5.55 15.41 15.16
N LYS A 323 -5.17 16.55 14.60
CA LYS A 323 -6.07 17.46 13.94
C LYS A 323 -5.78 17.46 12.46
N VAL A 324 -6.81 17.73 11.64
CA VAL A 324 -6.61 17.87 10.21
C VAL A 324 -5.88 19.18 9.88
N GLN A 325 -4.91 19.09 8.99
CA GLN A 325 -4.10 20.24 8.57
C GLN A 325 -4.59 20.77 7.24
N ASP A 326 -4.31 22.04 6.97
CA ASP A 326 -4.69 22.61 5.69
C ASP A 326 -3.70 22.15 4.64
N PRO A 327 -3.98 22.41 3.36
CA PRO A 327 -3.10 21.87 2.31
C PRO A 327 -1.64 22.26 2.46
N LYS A 328 -1.37 23.49 2.90
CA LYS A 328 0.03 23.91 3.03
C LYS A 328 0.81 22.95 3.92
N ILE A 329 0.33 22.75 5.15
CA ILE A 329 1.07 21.90 6.08
C ILE A 329 1.04 20.44 5.61
N ASP A 330 -0.08 20.02 5.05
CA ASP A 330 -0.15 18.67 4.53
CA ASP A 330 -0.15 18.65 4.52
C ASP A 330 0.98 18.42 3.53
N ARG A 331 1.19 19.36 2.62
CA ARG A 331 2.21 19.21 1.60
C ARG A 331 3.60 19.15 2.21
N VAL A 332 3.90 20.05 3.14
CA VAL A 332 5.24 20.10 3.72
CA VAL A 332 5.23 20.10 3.73
C VAL A 332 5.51 18.85 4.55
N ARG A 333 4.51 18.37 5.29
CA ARG A 333 4.69 17.16 6.10
C ARG A 333 4.96 15.94 5.23
N THR A 334 4.18 15.77 4.15
CA THR A 334 4.37 14.62 3.29
C THR A 334 5.74 14.65 2.63
N ARG A 335 6.13 15.81 2.11
CA ARG A 335 7.47 15.94 1.51
C ARG A 335 8.55 15.63 2.54
N ALA A 336 8.42 16.13 3.78
CA ALA A 336 9.43 15.85 4.78
C ALA A 336 9.49 14.37 5.13
N TRP A 337 8.33 13.71 5.19
CA TRP A 337 8.26 12.30 5.48
C TRP A 337 9.04 11.49 4.45
N THR A 338 8.85 11.79 3.19
CA THR A 338 9.58 11.06 2.16
C THR A 338 11.09 11.27 2.30
N LYS A 339 11.51 12.47 2.67
CA LYS A 339 12.93 12.73 2.87
C LYS A 339 13.47 11.90 4.04
N VAL A 340 12.67 11.78 5.11
CA VAL A 340 13.12 11.04 6.27
C VAL A 340 13.28 9.56 5.93
N LYS A 341 12.29 8.99 5.26
CA LYS A 341 12.33 7.56 4.99
C LYS A 341 13.41 7.21 3.99
N SER A 342 13.54 7.99 2.92
CA SER A 342 14.43 7.67 1.80
C SER A 342 15.64 8.60 1.86
N GLY A 343 16.65 8.18 2.61
CA GLY A 343 17.88 8.97 2.74
C GLY A 343 18.19 9.31 4.20
N GLN B 3 20.84 24.81 -1.97
CA GLN B 3 20.93 23.36 -2.18
C GLN B 3 19.63 22.86 -2.80
N LYS B 4 19.70 22.50 -4.07
CA LYS B 4 18.52 22.09 -4.80
C LYS B 4 18.21 20.63 -4.49
N THR B 5 16.93 20.33 -4.33
CA THR B 5 16.47 18.98 -4.06
CA THR B 5 16.47 18.98 -4.05
C THR B 5 15.40 18.61 -5.07
N LEU B 6 15.14 17.31 -5.17
CA LEU B 6 14.16 16.79 -6.12
C LEU B 6 13.59 15.50 -5.59
N HIS B 7 12.24 15.41 -5.54
CA HIS B 7 11.54 14.23 -5.04
C HIS B 7 10.89 13.48 -6.19
N ILE B 8 11.23 12.18 -6.31
CA ILE B 8 10.80 11.34 -7.42
C ILE B 8 10.13 10.10 -6.85
N TYR B 9 8.99 9.76 -7.40
CA TYR B 9 8.24 8.54 -7.03
C TYR B 9 8.10 7.68 -8.29
N ASN B 10 8.81 6.55 -8.33
CA ASN B 10 8.83 5.70 -9.52
C ASN B 10 8.47 4.28 -9.11
N TRP B 11 8.14 3.45 -10.08
CA TRP B 11 8.02 2.03 -9.81
C TRP B 11 9.33 1.52 -9.22
N SER B 12 9.21 0.51 -8.36
CA SER B 12 10.37 -0.22 -7.93
C SER B 12 10.99 -0.98 -9.10
N ASP B 13 12.28 -1.30 -8.99
CA ASP B 13 12.98 -2.09 -9.99
C ASP B 13 12.79 -1.49 -11.39
N TYR B 14 13.05 -0.17 -11.50
CA TYR B 14 12.71 0.53 -12.75
C TYR B 14 13.70 1.65 -13.03
N ILE B 15 14.95 1.50 -12.61
CA ILE B 15 16.01 2.46 -12.88
C ILE B 15 17.31 1.72 -12.72
N ALA B 16 18.40 2.23 -13.35
CA ALA B 16 19.69 1.63 -13.15
C ALA B 16 20.24 2.03 -11.81
N PRO B 17 21.15 1.23 -11.25
CA PRO B 17 21.64 1.51 -9.89
C PRO B 17 22.37 2.82 -9.76
N ASP B 18 22.93 3.37 -10.84
CA ASP B 18 23.71 4.59 -10.75
C ASP B 18 23.06 5.81 -11.41
N THR B 19 21.88 5.68 -11.97
CA THR B 19 21.23 6.77 -12.70
C THR B 19 21.12 8.02 -11.83
N VAL B 20 20.54 7.88 -10.64
CA VAL B 20 20.35 9.02 -9.77
C VAL B 20 21.66 9.60 -9.32
N ALA B 21 22.61 8.75 -8.92
CA ALA B 21 23.89 9.28 -8.46
C ALA B 21 24.59 10.05 -9.58
N ASN B 22 24.52 9.53 -10.82
CA ASN B 22 25.15 10.23 -11.94
C ASN B 22 24.50 11.60 -12.14
N PHE B 23 23.17 11.65 -12.04
CA PHE B 23 22.45 12.90 -12.17
C PHE B 23 22.83 13.86 -11.06
N GLU B 24 22.88 13.37 -9.82
CA GLU B 24 23.30 14.22 -8.71
C GLU B 24 24.70 14.79 -8.95
N LYS B 25 25.63 13.95 -9.42
CA LYS B 25 27.00 14.43 -9.62
C LYS B 25 27.04 15.51 -10.70
N GLU B 26 26.24 15.36 -11.76
CA GLU B 26 26.31 16.32 -12.86
C GLU B 26 25.67 17.64 -12.47
N THR B 27 24.58 17.60 -11.70
CA THR B 27 23.76 18.78 -11.49
C THR B 27 23.91 19.42 -10.12
N GLY B 28 24.43 18.68 -9.13
CA GLY B 28 24.47 19.16 -7.76
C GLY B 28 23.14 19.15 -7.05
N ILE B 29 22.12 18.57 -7.67
CA ILE B 29 20.80 18.43 -7.05
C ILE B 29 20.80 17.15 -6.20
N LYS B 30 20.20 17.22 -5.00
CA LYS B 30 20.04 16.02 -4.21
C LYS B 30 18.67 15.43 -4.52
N VAL B 31 18.65 14.13 -4.81
CA VAL B 31 17.43 13.45 -5.22
C VAL B 31 16.94 12.60 -4.07
N VAL B 32 15.66 12.75 -3.75
CA VAL B 32 14.97 11.85 -2.85
C VAL B 32 14.14 10.93 -3.73
N TYR B 33 14.41 9.64 -3.66
CA TYR B 33 13.86 8.66 -4.59
C TYR B 33 13.10 7.63 -3.79
N ASP B 34 11.82 7.48 -4.10
CA ASP B 34 10.97 6.50 -3.43
C ASP B 34 10.25 5.68 -4.48
N VAL B 35 9.75 4.50 -4.08
CA VAL B 35 9.24 3.54 -5.05
C VAL B 35 7.90 2.95 -4.60
N PHE B 36 7.11 2.56 -5.61
CA PHE B 36 5.81 1.90 -5.44
C PHE B 36 5.73 0.72 -6.42
N ASP B 37 4.76 -0.15 -6.18
CA ASP B 37 4.52 -1.27 -7.11
C ASP B 37 3.06 -1.36 -7.52
N SER B 38 2.30 -0.26 -7.38
CA SER B 38 0.87 -0.31 -7.60
C SER B 38 0.39 1.01 -8.21
N ASN B 39 -0.31 0.92 -9.34
CA ASN B 39 -1.01 2.11 -9.85
C ASN B 39 -2.07 2.60 -8.90
N GLU B 40 -2.70 1.69 -8.18
CA GLU B 40 -3.74 2.11 -7.24
C GLU B 40 -3.18 2.93 -6.09
N VAL B 41 -2.02 2.52 -5.57
CA VAL B 41 -1.40 3.30 -4.49
C VAL B 41 -1.08 4.71 -4.95
N LEU B 42 -0.47 4.85 -6.13
CA LEU B 42 -0.13 6.16 -6.65
C LEU B 42 -1.39 6.99 -6.93
N GLU B 43 -2.40 6.37 -7.56
CA GLU B 43 -3.61 7.12 -7.85
C GLU B 43 -4.27 7.58 -6.56
N GLY B 44 -4.34 6.72 -5.56
CA GLY B 44 -4.90 7.13 -4.28
C GLY B 44 -4.18 8.34 -3.69
N LYS B 45 -2.87 8.35 -3.77
CA LYS B 45 -2.11 9.51 -3.26
C LYS B 45 -2.40 10.77 -4.07
N LEU B 46 -2.50 10.62 -5.39
CA LEU B 46 -2.79 11.80 -6.23
C LEU B 46 -4.19 12.35 -5.97
N MET B 47 -5.15 11.47 -5.65
CA MET B 47 -6.51 11.93 -5.43
C MET B 47 -6.75 12.38 -4.02
N ALA B 48 -5.89 12.02 -3.05
CA ALA B 48 -6.16 12.36 -1.65
C ALA B 48 -5.60 13.69 -1.22
N GLY B 49 -4.63 14.20 -1.94
CA GLY B 49 -4.02 15.46 -1.53
C GLY B 49 -2.68 15.61 -2.22
N SER B 50 -1.83 16.40 -1.61
CA SER B 50 -0.49 16.60 -2.17
C SER B 50 0.32 15.33 -2.00
N THR B 51 1.01 14.95 -3.04
CA THR B 51 1.88 13.78 -2.97
C THR B 51 3.22 14.09 -2.35
N GLY B 52 3.63 15.36 -2.33
CA GLY B 52 4.95 15.68 -1.87
C GLY B 52 6.05 15.35 -2.85
N PHE B 53 5.71 14.96 -4.08
CA PHE B 53 6.68 14.61 -5.10
C PHE B 53 6.70 15.61 -6.25
N ASP B 54 7.85 15.72 -6.90
CA ASP B 54 8.03 16.58 -8.04
C ASP B 54 7.78 15.85 -9.35
N LEU B 55 7.99 14.54 -9.35
CA LEU B 55 7.77 13.68 -10.50
C LEU B 55 7.19 12.37 -10.00
N VAL B 56 6.20 11.85 -10.72
CA VAL B 56 5.61 10.54 -10.47
C VAL B 56 5.45 9.82 -11.80
N VAL B 57 5.28 8.48 -11.73
CA VAL B 57 5.36 7.68 -12.95
C VAL B 57 4.16 6.71 -13.05
N PRO B 58 2.95 7.19 -13.28
CA PRO B 58 1.83 6.27 -13.51
C PRO B 58 1.91 5.56 -14.85
N SER B 59 1.17 4.46 -14.97
CA SER B 59 0.83 3.96 -16.28
C SER B 59 -0.09 4.94 -16.98
N ALA B 60 0.06 5.03 -18.29
CA ALA B 60 -0.64 6.05 -19.07
C ALA B 60 -2.14 5.90 -18.97
N SER B 61 -2.64 4.66 -18.88
CA SER B 61 -4.08 4.48 -18.78
C SER B 61 -4.62 5.06 -17.46
N PHE B 62 -3.84 5.03 -16.37
CA PHE B 62 -4.24 5.66 -15.13
C PHE B 62 -4.11 7.18 -15.23
N LEU B 63 -3.04 7.65 -15.88
CA LEU B 63 -2.89 9.07 -16.08
C LEU B 63 -4.08 9.66 -16.85
N GLU B 64 -4.65 8.88 -17.77
CA GLU B 64 -5.82 9.39 -18.52
C GLU B 64 -6.91 9.88 -17.57
N ARG B 65 -7.23 9.09 -16.54
CA ARG B 65 -8.28 9.52 -15.59
CA ARG B 65 -8.29 9.53 -15.60
C ARG B 65 -7.77 10.64 -14.72
N GLN B 66 -6.51 10.55 -14.31
CA GLN B 66 -5.95 11.52 -13.37
C GLN B 66 -5.94 12.93 -13.97
N LEU B 67 -5.77 13.06 -15.28
CA LEU B 67 -5.77 14.38 -15.86
C LEU B 67 -7.06 15.14 -15.59
N THR B 68 -8.20 14.45 -15.64
CA THR B 68 -9.49 15.15 -15.50
C THR B 68 -9.68 15.68 -14.08
N ALA B 69 -8.88 15.17 -13.12
CA ALA B 69 -8.91 15.68 -11.75
C ALA B 69 -7.93 16.81 -11.56
N GLY B 70 -7.13 17.12 -12.57
CA GLY B 70 -6.28 18.27 -12.51
C GLY B 70 -5.04 18.08 -11.63
N VAL B 71 -4.59 16.85 -11.48
CA VAL B 71 -3.52 16.61 -10.52
C VAL B 71 -2.14 16.86 -11.12
N PHE B 72 -2.02 17.05 -12.43
CA PHE B 72 -0.75 17.26 -13.10
C PHE B 72 -0.73 18.63 -13.79
N GLN B 73 0.46 19.14 -13.95
CA GLN B 73 0.62 20.34 -14.76
C GLN B 73 1.23 20.04 -16.12
N PRO B 74 0.84 20.77 -17.17
CA PRO B 74 1.37 20.50 -18.51
C PRO B 74 2.87 20.74 -18.59
N LEU B 75 3.53 19.88 -19.35
CA LEU B 75 4.98 19.95 -19.48
C LEU B 75 5.38 21.05 -20.46
N ASP B 76 6.32 21.87 -20.04
CA ASP B 76 6.83 22.98 -20.87
C ASP B 76 7.86 22.40 -21.85
N LYS B 77 7.44 22.19 -23.09
CA LYS B 77 8.29 21.52 -24.06
C LYS B 77 9.52 22.38 -24.37
N SER B 78 9.40 23.69 -24.23
CA SER B 78 10.57 24.55 -24.42
C SER B 78 11.67 24.18 -23.45
N LYS B 79 11.33 23.55 -22.34
CA LYS B 79 12.31 23.05 -21.39
C LYS B 79 12.65 21.60 -21.62
N LEU B 80 12.16 21.01 -22.71
CA LEU B 80 12.44 19.61 -23.04
C LEU B 80 12.89 19.52 -24.49
N PRO B 81 14.04 20.13 -24.81
CA PRO B 81 14.43 20.21 -26.24
C PRO B 81 14.55 18.85 -26.93
N GLU B 82 15.02 17.83 -26.21
CA GLU B 82 15.26 16.52 -26.80
C GLU B 82 14.03 15.62 -26.85
N TRP B 83 12.83 16.19 -26.65
CA TRP B 83 11.59 15.43 -26.82
C TRP B 83 11.62 14.70 -28.16
N LYS B 84 12.29 15.31 -29.15
CA LYS B 84 12.48 14.73 -30.46
C LYS B 84 13.03 13.31 -30.45
N ASN B 85 13.78 12.93 -29.40
CA ASN B 85 14.32 11.58 -29.34
C ASN B 85 13.24 10.53 -29.17
N LEU B 86 12.08 10.91 -28.65
CA LEU B 86 11.06 9.92 -28.35
C LEU B 86 10.46 9.34 -29.63
N ASP B 87 10.12 8.05 -29.56
CA ASP B 87 9.53 7.33 -30.68
C ASP B 87 8.17 7.93 -31.06
N PRO B 88 8.00 8.40 -32.29
CA PRO B 88 6.74 9.08 -32.62
C PRO B 88 5.54 8.15 -32.60
N GLU B 89 5.71 6.87 -32.91
CA GLU B 89 4.57 5.96 -32.89
C GLU B 89 4.12 5.67 -31.46
N LEU B 90 5.09 5.58 -30.53
CA LEU B 90 4.69 5.39 -29.13
C LEU B 90 4.05 6.65 -28.57
N LEU B 91 4.54 7.84 -29.00
CA LEU B 91 3.92 9.07 -28.57
C LEU B 91 2.46 9.11 -29.00
N LYS B 92 2.18 8.64 -30.22
CA LYS B 92 0.81 8.67 -30.73
C LYS B 92 -0.09 7.71 -29.93
N LEU B 93 0.43 6.54 -29.57
CA LEU B 93 -0.33 5.64 -28.72
C LEU B 93 -0.60 6.25 -27.34
N VAL B 94 0.41 6.90 -26.77
CA VAL B 94 0.21 7.48 -25.44
C VAL B 94 -0.69 8.68 -25.54
N ALA B 95 -0.70 9.36 -26.69
CA ALA B 95 -1.59 10.51 -26.86
C ALA B 95 -3.06 10.13 -26.78
N LYS B 96 -3.40 8.83 -26.99
CA LYS B 96 -4.78 8.39 -26.76
C LYS B 96 -5.16 8.59 -25.32
N HIS B 97 -4.20 8.48 -24.40
CA HIS B 97 -4.43 8.73 -22.98
C HIS B 97 -4.16 10.16 -22.58
N ASP B 98 -3.26 10.84 -23.29
CA ASP B 98 -2.75 12.15 -22.95
C ASP B 98 -2.78 13.00 -24.21
N PRO B 99 -3.91 13.63 -24.52
CA PRO B 99 -4.05 14.33 -25.80
C PRO B 99 -2.91 15.30 -26.10
N ASP B 100 -2.41 15.22 -27.34
CA ASP B 100 -1.29 16.03 -27.83
C ASP B 100 -0.05 15.93 -26.94
N ASN B 101 0.04 14.86 -26.16
CA ASN B 101 1.19 14.59 -25.29
C ASN B 101 1.52 15.79 -24.39
N LYS B 102 0.47 16.40 -23.79
CA LYS B 102 0.72 17.63 -23.08
C LYS B 102 1.28 17.42 -21.69
N PHE B 103 1.01 16.26 -21.06
CA PHE B 103 1.32 16.05 -19.66
C PHE B 103 2.32 14.97 -19.36
N ALA B 104 2.53 14.01 -20.25
CA ALA B 104 3.21 12.76 -19.90
C ALA B 104 4.44 12.54 -20.79
N MET B 105 5.52 12.11 -20.17
CA MET B 105 6.72 11.77 -20.97
C MET B 105 6.92 10.25 -20.98
N PRO B 106 6.74 9.58 -22.11
CA PRO B 106 6.94 8.13 -22.11
C PRO B 106 8.31 7.73 -21.61
N TYR B 107 8.32 6.75 -20.73
CA TYR B 107 9.55 6.29 -20.08
C TYR B 107 9.89 4.88 -20.55
N MET B 108 9.08 3.87 -20.16
CA MET B 108 9.27 2.46 -20.55
C MET B 108 7.92 1.88 -20.94
N TRP B 109 7.95 0.75 -21.63
CA TRP B 109 6.70 0.04 -21.89
C TRP B 109 6.96 -1.46 -21.99
N ALA B 110 5.92 -2.25 -21.67
CA ALA B 110 6.07 -3.70 -21.77
C ALA B 110 4.68 -4.29 -21.72
N THR B 111 4.61 -5.59 -21.43
CA THR B 111 3.37 -6.32 -21.45
C THR B 111 3.18 -7.08 -20.13
N THR B 112 1.92 -7.43 -19.87
CA THR B 112 1.52 -8.24 -18.74
C THR B 112 1.33 -9.66 -19.21
N GLY B 113 2.25 -10.54 -18.79
CA GLY B 113 2.26 -11.91 -19.32
C GLY B 113 2.49 -12.92 -18.21
N ILE B 114 3.13 -14.03 -18.56
CA ILE B 114 3.37 -15.14 -17.67
C ILE B 114 4.87 -15.28 -17.49
N GLY B 115 5.30 -15.19 -16.23
CA GLY B 115 6.66 -15.58 -15.88
C GLY B 115 6.65 -16.97 -15.27
N TYR B 116 7.68 -17.74 -15.54
CA TYR B 116 7.64 -19.10 -15.04
C TYR B 116 9.01 -19.72 -14.93
N ASN B 117 9.11 -20.72 -14.06
CA ASN B 117 10.30 -21.53 -13.93
C ASN B 117 10.22 -22.64 -14.98
N VAL B 118 11.11 -22.60 -15.95
CA VAL B 118 11.03 -23.51 -17.10
C VAL B 118 11.02 -24.95 -16.63
N ASP B 119 11.96 -25.31 -15.76
CA ASP B 119 12.11 -26.70 -15.39
C ASP B 119 10.96 -27.19 -14.52
N LYS B 120 10.49 -26.37 -13.60
CA LYS B 120 9.44 -26.80 -12.71
C LYS B 120 8.12 -26.94 -13.45
N VAL B 121 7.84 -26.02 -14.37
CA VAL B 121 6.58 -26.11 -15.10
C VAL B 121 6.56 -27.35 -15.99
N LYS B 122 7.69 -27.66 -16.63
CA LYS B 122 7.73 -28.83 -17.50
C LYS B 122 7.69 -30.14 -16.70
N ALA B 123 8.25 -30.12 -15.50
CA ALA B 123 8.16 -31.29 -14.62
C ALA B 123 6.71 -31.58 -14.24
N VAL B 124 5.95 -30.53 -13.96
CA VAL B 124 4.59 -30.68 -13.47
C VAL B 124 3.61 -30.93 -14.62
N LEU B 125 3.69 -30.12 -15.68
CA LEU B 125 2.73 -30.19 -16.77
C LEU B 125 3.28 -30.89 -18.01
N GLY B 126 4.50 -31.38 -17.96
CA GLY B 126 5.10 -32.11 -19.04
C GLY B 126 5.91 -31.21 -19.94
N GLU B 127 6.68 -31.86 -20.82
CA GLU B 127 7.54 -31.10 -21.73
C GLU B 127 6.74 -30.20 -22.64
N ASN B 128 5.50 -30.59 -22.95
CA ASN B 128 4.64 -29.81 -23.82
C ASN B 128 3.70 -28.89 -23.04
N ALA B 129 4.07 -28.52 -21.83
CA ALA B 129 3.27 -27.58 -21.05
C ALA B 129 2.95 -26.36 -21.90
N PRO B 130 1.71 -25.82 -21.81
CA PRO B 130 1.33 -24.75 -22.74
C PRO B 130 1.81 -23.37 -22.30
N VAL B 131 3.13 -23.19 -22.28
CA VAL B 131 3.69 -21.95 -21.74
C VAL B 131 3.50 -20.80 -22.72
N ASP B 132 2.94 -21.09 -23.89
CA ASP B 132 2.60 -20.06 -24.87
C ASP B 132 1.15 -19.61 -24.81
N SER B 133 0.43 -19.96 -23.73
CA SER B 133 -1.01 -19.76 -23.65
C SER B 133 -1.41 -19.40 -22.24
N TRP B 134 -2.40 -18.51 -22.10
CA TRP B 134 -2.99 -18.27 -20.78
C TRP B 134 -3.60 -19.54 -20.19
N ASP B 135 -3.80 -20.59 -21.01
CA ASP B 135 -4.23 -21.87 -20.47
C ASP B 135 -3.31 -22.33 -19.35
N LEU B 136 -2.04 -21.92 -19.39
CA LEU B 136 -1.09 -22.42 -18.40
C LEU B 136 -1.58 -22.13 -16.98
N ILE B 137 -2.20 -20.97 -16.78
CA ILE B 137 -2.56 -20.53 -15.43
C ILE B 137 -4.03 -20.21 -15.29
N LEU B 138 -4.75 -20.08 -16.42
CA LEU B 138 -6.16 -19.74 -16.34
C LEU B 138 -7.06 -20.97 -16.56
N LYS B 139 -6.49 -22.15 -16.80
CA LYS B 139 -7.24 -23.39 -16.75
C LYS B 139 -7.12 -23.98 -15.36
N PRO B 140 -8.21 -24.12 -14.61
CA PRO B 140 -8.07 -24.64 -13.23
C PRO B 140 -7.32 -25.95 -13.14
N GLU B 141 -7.48 -26.83 -14.13
CA GLU B 141 -6.83 -28.15 -14.06
C GLU B 141 -5.32 -28.00 -14.05
N ASN B 142 -4.79 -27.03 -14.81
CA ASN B 142 -3.35 -26.80 -14.82
C ASN B 142 -2.90 -26.08 -13.55
N LEU B 143 -3.67 -25.10 -13.09
CA LEU B 143 -3.25 -24.39 -11.90
C LEU B 143 -3.28 -25.27 -10.67
N GLU B 144 -4.19 -26.25 -10.62
CA GLU B 144 -4.19 -27.17 -9.49
C GLU B 144 -2.90 -27.97 -9.43
N LYS B 145 -2.32 -28.28 -10.58
CA LYS B 145 -1.06 -29.01 -10.57
C LYS B 145 0.10 -28.10 -10.24
N LEU B 146 0.07 -26.87 -10.74
CA LEU B 146 1.16 -25.91 -10.51
C LEU B 146 1.17 -25.41 -9.08
N LYS B 147 0.07 -25.56 -8.37
CA LYS B 147 0.05 -25.21 -6.96
C LYS B 147 1.21 -25.91 -6.24
N SER B 148 1.64 -27.05 -6.76
CA SER B 148 2.73 -27.81 -6.14
C SER B 148 3.99 -26.97 -6.00
N CYS B 149 4.23 -26.02 -6.92
CA CYS B 149 5.45 -25.23 -6.85
C CYS B 149 5.21 -23.73 -6.69
N GLY B 150 3.96 -23.27 -6.53
CA GLY B 150 3.68 -21.91 -6.13
C GLY B 150 3.25 -21.01 -7.27
N VAL B 151 2.13 -20.33 -7.08
CA VAL B 151 1.50 -19.48 -8.11
C VAL B 151 1.25 -18.10 -7.51
N SER B 152 1.62 -17.04 -8.26
CA SER B 152 1.28 -15.68 -7.84
C SER B 152 0.57 -14.94 -8.95
N PHE B 153 -0.36 -14.08 -8.57
CA PHE B 153 -1.01 -13.14 -9.49
C PHE B 153 -0.64 -11.72 -9.10
N LEU B 154 -0.56 -10.84 -10.09
CA LEU B 154 -0.36 -9.44 -9.77
C LEU B 154 -1.50 -8.93 -8.90
N ASP B 155 -1.17 -8.01 -8.01
CA ASP B 155 -2.18 -7.26 -7.25
C ASP B 155 -2.58 -6.03 -8.07
N ALA B 156 -3.10 -6.28 -9.26
CA ALA B 156 -3.40 -5.24 -10.24
C ALA B 156 -4.77 -5.50 -10.85
N PRO B 157 -5.84 -5.04 -10.20
CA PRO B 157 -7.18 -5.46 -10.59
C PRO B 157 -7.56 -5.15 -12.02
N GLU B 158 -7.21 -3.96 -12.52
CA GLU B 158 -7.64 -3.63 -13.87
C GLU B 158 -6.95 -4.53 -14.87
N GLU B 159 -5.67 -4.86 -14.61
CA GLU B 159 -4.93 -5.69 -15.54
C GLU B 159 -5.41 -7.13 -15.48
N VAL B 160 -5.68 -7.63 -14.28
CA VAL B 160 -6.09 -9.02 -14.16
C VAL B 160 -7.47 -9.23 -14.78
N PHE B 161 -8.43 -8.33 -14.52
CA PHE B 161 -9.75 -8.53 -15.10
C PHE B 161 -9.70 -8.38 -16.62
N ALA B 162 -8.93 -7.41 -17.14
CA ALA B 162 -8.86 -7.30 -18.59
C ALA B 162 -8.26 -8.57 -19.20
N THR B 163 -7.23 -9.13 -18.55
CA THR B 163 -6.63 -10.37 -19.07
C THR B 163 -7.62 -11.53 -19.06
N VAL B 164 -8.37 -11.68 -17.96
CA VAL B 164 -9.37 -12.74 -17.87
C VAL B 164 -10.48 -12.54 -18.88
N LEU B 165 -10.95 -11.28 -19.04
CA LEU B 165 -11.99 -11.04 -20.03
C LEU B 165 -11.51 -11.40 -21.43
N ASN B 166 -10.29 -11.01 -21.78
CA ASN B 166 -9.76 -11.35 -23.08
C ASN B 166 -9.70 -12.86 -23.25
N TYR B 167 -9.25 -13.55 -22.22
CA TYR B 167 -9.15 -15.00 -22.25
C TYR B 167 -10.49 -15.66 -22.49
N LEU B 168 -11.56 -15.11 -21.94
CA LEU B 168 -12.89 -15.62 -22.09
C LEU B 168 -13.54 -15.19 -23.40
N GLY B 169 -12.80 -14.50 -24.27
CA GLY B 169 -13.35 -14.06 -25.53
C GLY B 169 -14.22 -12.83 -25.46
N LYS B 170 -14.15 -12.08 -24.36
CA LYS B 170 -14.89 -10.85 -24.18
C LYS B 170 -14.01 -9.65 -24.56
N ASP B 171 -14.63 -8.50 -24.76
CA ASP B 171 -13.92 -7.24 -24.85
C ASP B 171 -13.05 -7.08 -23.59
N PRO B 172 -11.74 -6.93 -23.74
CA PRO B 172 -10.90 -6.75 -22.54
C PRO B 172 -11.32 -5.59 -21.68
N ASN B 173 -11.98 -4.59 -22.28
CA ASN B 173 -12.55 -3.45 -21.56
C ASN B 173 -14.07 -3.48 -21.53
N SER B 174 -14.63 -4.68 -21.33
CA SER B 174 -16.08 -4.84 -21.36
C SER B 174 -16.76 -3.81 -20.47
N THR B 175 -17.88 -3.26 -20.97
CA THR B 175 -18.73 -2.38 -20.18
C THR B 175 -19.98 -3.06 -19.68
N LYS B 176 -20.05 -4.38 -19.78
CA LYS B 176 -21.19 -5.15 -19.32
C LYS B 176 -20.89 -5.69 -17.92
N ALA B 177 -21.66 -5.23 -16.95
CA ALA B 177 -21.37 -5.60 -15.58
C ALA B 177 -21.40 -7.12 -15.39
N ASP B 178 -22.32 -7.80 -16.06
CA ASP B 178 -22.46 -9.24 -15.88
C ASP B 178 -21.20 -9.99 -16.30
N ASP B 179 -20.40 -9.43 -17.23
CA ASP B 179 -19.14 -10.09 -17.57
C ASP B 179 -18.24 -10.18 -16.34
N TYR B 180 -18.23 -9.12 -15.51
CA TYR B 180 -17.38 -9.11 -14.34
C TYR B 180 -17.94 -9.97 -13.21
N THR B 181 -19.24 -9.81 -12.93
CA THR B 181 -19.87 -10.52 -11.82
C THR B 181 -20.13 -11.98 -12.13
N GLY B 182 -20.25 -12.33 -13.40
CA GLY B 182 -20.51 -13.68 -13.79
C GLY B 182 -19.26 -14.42 -14.18
N PRO B 183 -19.00 -14.53 -15.48
CA PRO B 183 -17.93 -15.45 -15.91
C PRO B 183 -16.54 -15.10 -15.43
N ALA B 184 -16.16 -13.81 -15.36
CA ALA B 184 -14.83 -13.45 -14.89
C ALA B 184 -14.66 -13.83 -13.43
N THR B 185 -15.65 -13.50 -12.59
CA THR B 185 -15.56 -13.86 -11.19
C THR B 185 -15.61 -15.38 -11.00
N ASP B 186 -16.50 -16.06 -11.71
CA ASP B 186 -16.60 -17.52 -11.62
C ASP B 186 -15.24 -18.16 -11.88
N LEU B 187 -14.55 -17.72 -12.94
CA LEU B 187 -13.25 -18.32 -13.25
C LEU B 187 -12.23 -17.98 -12.19
N LEU B 188 -12.17 -16.72 -11.78
CA LEU B 188 -11.18 -16.35 -10.80
C LEU B 188 -11.39 -17.08 -9.48
N LEU B 189 -12.65 -17.31 -9.09
CA LEU B 189 -12.91 -18.05 -7.86
C LEU B 189 -12.54 -19.51 -8.00
N LYS B 190 -12.63 -20.09 -9.21
CA LYS B 190 -12.14 -21.46 -9.38
C LYS B 190 -10.62 -21.51 -9.33
N LEU B 191 -9.95 -20.46 -9.75
CA LEU B 191 -8.49 -20.44 -9.69
C LEU B 191 -7.98 -20.10 -8.28
N ARG B 192 -8.74 -19.32 -7.53
CA ARG B 192 -8.25 -18.76 -6.28
C ARG B 192 -7.62 -19.75 -5.31
N PRO B 193 -8.18 -20.93 -5.08
CA PRO B 193 -7.56 -21.84 -4.10
C PRO B 193 -6.14 -22.23 -4.43
N ASN B 194 -5.72 -22.09 -5.68
CA ASN B 194 -4.41 -22.52 -6.14
C ASN B 194 -3.43 -21.37 -6.23
N ILE B 195 -3.85 -20.15 -5.92
CA ILE B 195 -3.01 -18.96 -5.99
C ILE B 195 -2.41 -18.74 -4.60
N ARG B 196 -1.08 -18.70 -4.51
CA ARG B 196 -0.44 -18.55 -3.21
C ARG B 196 -0.59 -17.13 -2.69
N TYR B 197 -0.41 -16.13 -3.56
CA TYR B 197 -0.56 -14.75 -3.14
C TYR B 197 -0.82 -13.85 -4.33
N PHE B 198 -1.40 -12.67 -4.04
CA PHE B 198 -1.58 -11.57 -4.97
C PHE B 198 -0.56 -10.50 -4.61
N HIS B 199 0.44 -10.29 -5.45
CA HIS B 199 1.44 -9.29 -5.15
C HIS B 199 2.17 -8.89 -6.42
N SER B 200 2.56 -7.63 -6.50
CA SER B 200 3.12 -7.09 -7.72
C SER B 200 4.60 -6.80 -7.65
N SER B 201 5.31 -7.26 -6.60
CA SER B 201 6.77 -7.14 -6.63
C SER B 201 7.49 -8.31 -5.98
N GLN B 202 6.83 -8.98 -5.01
CA GLN B 202 7.51 -10.09 -4.36
C GLN B 202 7.83 -11.22 -5.34
N TYR B 203 7.08 -11.33 -6.43
CA TYR B 203 7.23 -12.44 -7.34
C TYR B 203 8.57 -12.40 -8.08
N ILE B 204 9.24 -11.25 -8.13
CA ILE B 204 10.51 -11.17 -8.85
C ILE B 204 11.53 -12.06 -8.17
N ASN B 205 11.82 -11.77 -6.89
CA ASN B 205 12.82 -12.57 -6.21
C ASN B 205 12.32 -14.00 -5.98
N ASP B 206 11.02 -14.19 -5.82
CA ASP B 206 10.51 -15.55 -5.61
C ASP B 206 10.69 -16.40 -6.88
N LEU B 207 10.43 -15.85 -8.07
CA LEU B 207 10.77 -16.58 -9.27
C LEU B 207 12.27 -16.85 -9.33
N ALA B 208 13.08 -15.82 -9.02
CA ALA B 208 14.53 -15.95 -9.16
C ALA B 208 15.10 -17.02 -8.24
N ASN B 209 14.54 -17.16 -7.03
CA ASN B 209 15.08 -18.09 -6.05
C ASN B 209 14.43 -19.47 -6.11
N GLY B 210 13.44 -19.64 -6.97
CA GLY B 210 12.74 -20.89 -7.09
C GLY B 210 11.63 -21.12 -6.09
N ASP B 211 11.15 -20.08 -5.41
CA ASP B 211 10.09 -20.23 -4.42
C ASP B 211 8.69 -20.24 -5.02
N ILE B 212 8.48 -19.66 -6.20
CA ILE B 212 7.28 -19.86 -7.00
C ILE B 212 7.72 -20.31 -8.38
N CYS B 213 6.84 -21.03 -9.07
CA CYS B 213 7.16 -21.50 -10.41
C CYS B 213 6.38 -20.82 -11.51
N VAL B 214 5.35 -20.03 -11.19
CA VAL B 214 4.59 -19.32 -12.21
C VAL B 214 3.95 -18.07 -11.62
N ALA B 215 3.91 -17.02 -12.42
CA ALA B 215 3.35 -15.76 -11.97
C ALA B 215 2.75 -15.00 -13.14
N ILE B 216 1.63 -14.34 -12.92
CA ILE B 216 1.29 -13.20 -13.78
C ILE B 216 2.29 -12.08 -13.43
N GLY B 217 3.01 -11.60 -14.44
CA GLY B 217 4.07 -10.65 -14.17
C GLY B 217 4.25 -9.67 -15.32
N TRP B 218 4.94 -8.59 -15.01
CA TRP B 218 5.33 -7.59 -15.99
C TRP B 218 6.64 -8.04 -16.65
N ALA B 219 6.71 -7.92 -17.96
CA ALA B 219 7.79 -8.59 -18.68
C ALA B 219 9.17 -8.31 -18.10
N GLY B 220 9.54 -7.04 -18.00
CA GLY B 220 10.90 -6.72 -17.58
C GLY B 220 11.18 -7.18 -16.18
N ASP B 221 10.15 -7.21 -15.31
CA ASP B 221 10.34 -7.78 -13.98
C ASP B 221 10.77 -9.24 -14.07
N VAL B 222 10.12 -10.00 -14.94
CA VAL B 222 10.45 -11.42 -15.07
C VAL B 222 11.83 -11.61 -15.67
N TRP B 223 12.17 -10.79 -16.68
CA TRP B 223 13.52 -10.87 -17.25
C TRP B 223 14.57 -10.48 -16.21
N GLN B 224 14.22 -9.55 -15.29
CA GLN B 224 15.13 -9.29 -14.17
C GLN B 224 15.29 -10.51 -13.30
N ALA B 225 14.17 -11.15 -12.93
CA ALA B 225 14.25 -12.38 -12.15
C ALA B 225 15.16 -13.40 -12.83
N SER B 226 14.96 -13.59 -14.14
CA SER B 226 15.79 -14.54 -14.88
C SER B 226 17.26 -14.19 -14.78
N ASN B 227 17.57 -12.88 -14.91
CA ASN B 227 18.97 -12.49 -14.84
C ASN B 227 19.54 -12.63 -13.43
N ARG B 228 18.76 -12.31 -12.42
CA ARG B 228 19.21 -12.47 -11.05
C ARG B 228 19.55 -13.92 -10.75
N ALA B 229 18.74 -14.84 -11.26
CA ALA B 229 19.01 -16.26 -11.09
C ALA B 229 20.30 -16.67 -11.78
N LYS B 230 20.51 -16.16 -13.00
CA LYS B 230 21.76 -16.47 -13.71
C LYS B 230 22.96 -15.93 -12.97
N GLU B 231 22.88 -14.67 -12.52
CA GLU B 231 24.01 -14.11 -11.78
C GLU B 231 24.25 -14.84 -10.47
N ALA B 232 23.19 -15.36 -9.85
CA ALA B 232 23.35 -16.15 -8.64
C ALA B 232 23.91 -17.53 -8.92
N LYS B 233 23.86 -17.97 -10.18
CA LYS B 233 24.34 -19.30 -10.55
C LYS B 233 23.69 -20.36 -9.67
N ASN B 234 22.37 -20.25 -9.52
CA ASN B 234 21.60 -21.13 -8.64
C ASN B 234 20.84 -22.20 -9.41
N GLY B 235 21.03 -22.30 -10.71
CA GLY B 235 20.37 -23.31 -11.51
C GLY B 235 18.92 -23.02 -11.84
N VAL B 236 18.41 -21.86 -11.46
CA VAL B 236 17.01 -21.53 -11.71
C VAL B 236 16.90 -20.92 -13.10
N ASN B 237 15.99 -21.45 -13.91
CA ASN B 237 15.78 -21.02 -15.28
C ASN B 237 14.40 -20.39 -15.37
N VAL B 238 14.36 -19.05 -15.46
CA VAL B 238 13.11 -18.32 -15.54
C VAL B 238 12.97 -17.76 -16.95
N SER B 239 11.76 -17.81 -17.47
CA SER B 239 11.43 -17.23 -18.75
C SER B 239 10.10 -16.50 -18.65
N PHE B 240 9.75 -15.80 -19.73
CA PHE B 240 8.56 -14.99 -19.82
C PHE B 240 7.90 -15.26 -21.15
N SER B 241 6.56 -15.25 -21.16
CA SER B 241 5.77 -15.49 -22.35
C SER B 241 4.71 -14.43 -22.51
N ILE B 242 4.60 -13.90 -23.74
CA ILE B 242 3.46 -13.10 -24.19
C ILE B 242 2.51 -14.10 -24.83
N PRO B 243 1.42 -14.50 -24.15
CA PRO B 243 0.63 -15.62 -24.64
C PRO B 243 -0.06 -15.37 -25.98
N LYS B 244 -0.44 -16.49 -26.62
CA LYS B 244 -0.97 -16.48 -27.98
C LYS B 244 -2.34 -15.81 -28.06
N GLU B 245 -3.11 -15.78 -26.99
CA GLU B 245 -4.42 -15.15 -27.01
C GLU B 245 -4.32 -13.64 -26.94
N GLY B 246 -3.12 -13.08 -26.82
CA GLY B 246 -2.92 -11.68 -26.63
C GLY B 246 -2.62 -11.36 -25.17
N ALA B 247 -2.25 -10.10 -24.95
CA ALA B 247 -1.87 -9.66 -23.62
C ALA B 247 -1.97 -8.15 -23.55
N MET B 248 -2.07 -7.65 -22.33
CA MET B 248 -2.12 -6.20 -22.12
C MET B 248 -0.75 -5.54 -22.26
N ALA B 249 -0.71 -4.41 -22.98
CA ALA B 249 0.46 -3.54 -23.03
C ALA B 249 0.19 -2.37 -22.10
N PHE B 250 1.25 -1.88 -21.48
CA PHE B 250 1.19 -0.67 -20.68
C PHE B 250 2.38 0.22 -21.03
N PHE B 251 2.17 1.52 -20.82
CA PHE B 251 3.14 2.57 -21.15
C PHE B 251 3.29 3.42 -19.90
N ASP B 252 4.44 3.31 -19.23
CA ASP B 252 4.65 4.08 -18.03
C ASP B 252 5.29 5.41 -18.39
N VAL B 253 4.80 6.45 -17.76
CA VAL B 253 5.11 7.82 -18.16
C VAL B 253 5.45 8.65 -16.94
N PHE B 254 6.46 9.52 -17.09
CA PHE B 254 6.70 10.55 -16.11
C PHE B 254 5.73 11.70 -16.26
N ALA B 255 5.25 12.18 -15.14
CA ALA B 255 4.33 13.31 -15.06
C ALA B 255 4.68 14.17 -13.87
N MET B 256 4.27 15.44 -13.92
CA MET B 256 4.68 16.43 -12.92
C MET B 256 3.45 16.86 -12.10
N PRO B 257 3.37 16.52 -10.83
CA PRO B 257 2.23 17.01 -10.04
C PRO B 257 2.08 18.52 -10.10
N ALA B 258 0.81 18.96 -10.07
CA ALA B 258 0.52 20.38 -10.26
C ALA B 258 1.11 21.22 -9.14
N ASP B 259 1.30 20.64 -7.96
CA ASP B 259 1.88 21.38 -6.83
C ASP B 259 3.39 21.10 -6.63
N ALA B 260 4.07 20.59 -7.64
CA ALA B 260 5.48 20.29 -7.51
C ALA B 260 6.27 21.50 -7.03
N LYS B 261 7.14 21.27 -6.05
CA LYS B 261 7.89 22.36 -5.44
C LYS B 261 9.10 22.76 -6.29
N ASN B 262 9.79 21.78 -6.90
CA ASN B 262 11.09 22.00 -7.55
C ASN B 262 10.94 21.69 -9.05
N LYS B 263 10.24 22.58 -9.77
CA LYS B 263 9.91 22.31 -11.16
C LYS B 263 11.14 22.34 -12.05
N ASP B 264 11.99 23.35 -11.89
CA ASP B 264 13.18 23.42 -12.72
C ASP B 264 14.01 22.16 -12.58
N GLU B 265 14.17 21.67 -11.34
CA GLU B 265 14.99 20.48 -11.14
C GLU B 265 14.32 19.28 -11.78
N ALA B 266 12.99 19.21 -11.71
CA ALA B 266 12.25 18.13 -12.39
C ALA B 266 12.50 18.15 -13.87
N TYR B 267 12.48 19.33 -14.49
CA TYR B 267 12.77 19.40 -15.92
C TYR B 267 14.19 18.96 -16.21
N GLN B 268 15.14 19.29 -15.33
CA GLN B 268 16.50 18.80 -15.54
C GLN B 268 16.55 17.29 -15.54
N PHE B 269 15.77 16.63 -14.66
CA PHE B 269 15.80 15.19 -14.59
C PHE B 269 15.14 14.57 -15.81
N LEU B 270 14.02 15.14 -16.26
CA LEU B 270 13.36 14.63 -17.47
C LEU B 270 14.28 14.78 -18.69
N ASN B 271 14.94 15.93 -18.83
CA ASN B 271 15.87 16.09 -19.95
CA ASN B 271 15.87 16.09 -19.94
C ASN B 271 17.05 15.13 -19.83
N TYR B 272 17.43 14.77 -18.60
CA TYR B 272 18.48 13.79 -18.39
C TYR B 272 18.05 12.43 -18.91
N LEU B 273 16.80 12.03 -18.61
CA LEU B 273 16.26 10.75 -19.05
C LEU B 273 16.06 10.70 -20.57
N LEU B 274 15.88 11.86 -21.22
CA LEU B 274 15.78 11.91 -22.68
C LEU B 274 17.12 11.75 -23.39
N ARG B 275 18.21 11.82 -22.66
CA ARG B 275 19.52 11.52 -23.28
C ARG B 275 19.58 10.06 -23.71
N PRO B 276 19.91 9.75 -24.98
CA PRO B 276 19.84 8.35 -25.40
C PRO B 276 20.70 7.41 -24.58
N ASP B 277 21.90 7.84 -24.19
CA ASP B 277 22.76 6.96 -23.43
C ASP B 277 22.24 6.71 -22.02
N VAL B 278 21.57 7.70 -21.42
CA VAL B 278 21.07 7.51 -20.07
C VAL B 278 19.96 6.46 -20.06
N VAL B 279 18.98 6.59 -20.96
CA VAL B 279 17.82 5.72 -20.91
C VAL B 279 18.16 4.33 -21.48
N ALA B 280 19.09 4.23 -22.44
CA ALA B 280 19.54 2.92 -22.87
C ALA B 280 20.22 2.18 -21.74
N HIS B 281 21.03 2.87 -20.96
CA HIS B 281 21.68 2.25 -19.80
C HIS B 281 20.62 1.73 -18.81
N ILE B 282 19.51 2.44 -18.66
CA ILE B 282 18.44 1.96 -17.79
C ILE B 282 17.85 0.67 -18.35
N SER B 283 17.49 0.67 -19.64
CA SER B 283 16.95 -0.53 -20.26
C SER B 283 17.88 -1.72 -20.07
N ASP B 284 19.20 -1.48 -20.17
CA ASP B 284 20.18 -2.56 -20.03
C ASP B 284 20.05 -3.23 -18.68
N HIS B 285 19.69 -2.47 -17.65
CA HIS B 285 19.66 -2.99 -16.28
C HIS B 285 18.30 -3.50 -15.87
N VAL B 286 17.21 -2.91 -16.36
CA VAL B 286 15.88 -3.34 -15.91
C VAL B 286 15.13 -4.21 -16.95
N PHE B 287 15.71 -4.40 -18.15
CA PHE B 287 15.15 -5.32 -19.16
C PHE B 287 13.78 -4.88 -19.64
N TYR B 288 13.62 -3.58 -19.74
CA TYR B 288 12.43 -2.95 -20.31
C TYR B 288 12.78 -2.18 -21.57
N ALA B 289 11.86 -2.17 -22.53
CA ALA B 289 11.99 -1.30 -23.70
C ALA B 289 11.70 0.15 -23.28
N ASN B 290 12.60 1.06 -23.66
CA ASN B 290 12.31 2.45 -23.40
C ASN B 290 11.53 3.00 -24.59
N ALA B 291 11.09 4.25 -24.47
CA ALA B 291 10.33 4.91 -25.53
C ALA B 291 11.18 5.84 -26.37
N ASN B 292 12.48 5.68 -26.32
CA ASN B 292 13.41 6.62 -26.95
C ASN B 292 13.97 5.96 -28.19
N LYS B 293 13.58 6.47 -29.36
CA LYS B 293 13.99 5.87 -30.63
C LYS B 293 15.48 6.06 -30.87
N ALA B 294 16.03 7.22 -30.50
CA ALA B 294 17.45 7.44 -30.65
C ALA B 294 18.28 6.50 -29.79
N ALA B 295 17.70 6.02 -28.68
CA ALA B 295 18.44 5.19 -27.75
C ALA B 295 18.52 3.73 -28.17
N THR B 296 17.61 3.27 -29.02
CA THR B 296 17.52 1.84 -29.29
C THR B 296 18.83 1.20 -29.70
N PRO B 297 19.59 1.76 -30.67
CA PRO B 297 20.87 1.13 -31.04
C PRO B 297 21.89 1.13 -29.92
N LEU B 298 21.71 1.93 -28.87
CA LEU B 298 22.66 1.93 -27.76
C LEU B 298 22.30 0.86 -26.72
N VAL B 299 21.11 0.33 -26.79
CA VAL B 299 20.67 -0.71 -25.86
C VAL B 299 21.47 -1.99 -26.15
N SER B 300 21.77 -2.74 -25.10
CA SER B 300 22.52 -3.98 -25.25
C SER B 300 21.76 -4.93 -26.16
N ALA B 301 22.52 -5.72 -26.92
CA ALA B 301 21.91 -6.71 -27.80
C ALA B 301 21.01 -7.65 -27.03
N GLU B 302 21.42 -8.05 -25.83
CA GLU B 302 20.63 -9.04 -25.09
C GLU B 302 19.23 -8.53 -24.81
N VAL B 303 19.09 -7.22 -24.53
CA VAL B 303 17.79 -6.65 -24.26
C VAL B 303 17.09 -6.29 -25.55
N ARG B 304 17.80 -5.63 -26.46
CA ARG B 304 17.17 -5.12 -27.67
C ARG B 304 16.62 -6.25 -28.53
N GLU B 305 17.30 -7.39 -28.56
CA GLU B 305 16.95 -8.49 -29.45
C GLU B 305 16.03 -9.52 -28.80
N ASN B 306 15.58 -9.28 -27.57
CA ASN B 306 14.66 -10.19 -26.91
C ASN B 306 13.23 -9.88 -27.34
N PRO B 307 12.54 -10.80 -28.04
CA PRO B 307 11.18 -10.47 -28.51
C PRO B 307 10.15 -10.39 -27.42
N GLY B 308 10.52 -10.73 -26.18
CA GLY B 308 9.69 -10.51 -25.03
C GLY B 308 9.89 -9.15 -24.38
N ILE B 309 10.78 -8.34 -24.95
CA ILE B 309 11.03 -6.98 -24.48
C ILE B 309 10.72 -5.98 -25.58
N TYR B 310 11.30 -6.19 -26.76
CA TYR B 310 11.01 -5.42 -27.97
C TYR B 310 10.31 -6.35 -28.97
N PRO B 311 9.00 -6.59 -28.83
CA PRO B 311 8.33 -7.61 -29.66
C PRO B 311 8.09 -7.13 -31.06
N PRO B 312 8.05 -8.06 -32.02
CA PRO B 312 7.85 -7.67 -33.43
C PRO B 312 6.39 -7.30 -33.70
N ALA B 313 6.16 -6.82 -34.92
CA ALA B 313 4.86 -6.22 -35.26
C ALA B 313 3.71 -7.22 -35.15
N ASP B 314 3.91 -8.46 -35.58
CA ASP B 314 2.83 -9.43 -35.52
C ASP B 314 2.43 -9.73 -34.07
N VAL B 315 3.38 -9.62 -33.13
CA VAL B 315 3.03 -9.78 -31.71
C VAL B 315 2.38 -8.50 -31.18
N ARG B 316 2.93 -7.34 -31.51
CA ARG B 316 2.33 -6.10 -31.04
C ARG B 316 0.89 -5.99 -31.49
N ALA B 317 0.56 -6.54 -32.65
CA ALA B 317 -0.80 -6.43 -33.18
C ALA B 317 -1.82 -7.20 -32.33
N LYS B 318 -1.37 -8.09 -31.45
CA LYS B 318 -2.24 -8.87 -30.59
C LYS B 318 -2.35 -8.29 -29.18
N LEU B 319 -1.76 -7.12 -28.94
CA LEU B 319 -1.79 -6.52 -27.60
C LEU B 319 -2.99 -5.59 -27.46
N PHE B 320 -3.49 -5.46 -26.26
CA PHE B 320 -4.58 -4.55 -25.97
C PHE B 320 -4.19 -3.61 -24.84
N THR B 321 -4.92 -2.49 -24.73
CA THR B 321 -4.67 -1.49 -23.70
C THR B 321 -5.96 -1.20 -22.94
N LEU B 322 -5.80 -0.76 -21.70
CA LEU B 322 -6.91 -0.42 -20.84
C LEU B 322 -7.59 0.88 -21.27
N LYS B 323 -8.90 0.91 -21.07
CA LYS B 323 -9.77 2.07 -21.20
C LYS B 323 -10.35 2.46 -19.85
N VAL B 324 -10.74 3.72 -19.74
CA VAL B 324 -11.44 4.24 -18.55
C VAL B 324 -12.86 3.70 -18.49
N GLN B 325 -13.30 3.31 -17.29
CA GLN B 325 -14.64 2.80 -17.04
C GLN B 325 -15.51 3.82 -16.29
N ASP B 326 -16.83 3.59 -16.31
CA ASP B 326 -17.75 4.44 -15.58
C ASP B 326 -17.86 4.00 -14.13
N PRO B 327 -18.57 4.74 -13.30
CA PRO B 327 -18.63 4.36 -11.88
C PRO B 327 -19.22 2.98 -11.67
N LYS B 328 -20.24 2.58 -12.44
CA LYS B 328 -20.83 1.26 -12.22
C LYS B 328 -19.79 0.16 -12.42
N ILE B 329 -19.09 0.17 -13.55
CA ILE B 329 -18.12 -0.90 -13.84
C ILE B 329 -16.99 -0.84 -12.84
N ASP B 330 -16.53 0.36 -12.47
CA ASP B 330 -15.53 0.46 -11.43
C ASP B 330 -16.02 -0.18 -10.14
N ARG B 331 -17.27 0.09 -9.77
CA ARG B 331 -17.85 -0.51 -8.56
C ARG B 331 -17.80 -2.03 -8.66
N VAL B 332 -18.35 -2.60 -9.73
CA VAL B 332 -18.53 -4.04 -9.81
C VAL B 332 -17.17 -4.72 -9.96
N ARG B 333 -16.25 -4.10 -10.73
CA ARG B 333 -14.93 -4.69 -10.86
C ARG B 333 -14.22 -4.71 -9.52
N THR B 334 -14.25 -3.57 -8.79
CA THR B 334 -13.59 -3.52 -7.50
C THR B 334 -14.22 -4.48 -6.49
N ARG B 335 -15.53 -4.58 -6.48
CA ARG B 335 -16.18 -5.50 -5.55
CA ARG B 335 -16.18 -5.49 -5.55
C ARG B 335 -15.84 -6.95 -5.89
N ALA B 336 -15.75 -7.27 -7.17
CA ALA B 336 -15.40 -8.65 -7.54
C ALA B 336 -13.94 -8.95 -7.19
N TRP B 337 -13.06 -7.98 -7.39
CA TRP B 337 -11.66 -8.14 -7.00
C TRP B 337 -11.52 -8.45 -5.52
N THR B 338 -12.31 -7.77 -4.67
CA THR B 338 -12.20 -8.03 -3.24
C THR B 338 -12.64 -9.46 -2.94
N LYS B 339 -13.68 -9.95 -3.63
CA LYS B 339 -14.12 -11.32 -3.42
CA LYS B 339 -14.11 -11.32 -3.41
C LYS B 339 -13.02 -12.30 -3.82
N VAL B 340 -12.30 -12.00 -4.89
CA VAL B 340 -11.31 -12.92 -5.42
C VAL B 340 -10.11 -13.01 -4.48
N LYS B 341 -9.59 -11.89 -4.03
CA LYS B 341 -8.39 -11.94 -3.19
C LYS B 341 -8.67 -12.63 -1.85
N SER B 342 -9.81 -12.35 -1.24
CA SER B 342 -10.15 -12.92 0.06
CA SER B 342 -10.16 -12.91 0.06
C SER B 342 -10.73 -14.32 -0.04
N GLY B 343 -10.16 -15.16 -0.91
CA GLY B 343 -10.66 -16.52 -1.08
C GLY B 343 -11.74 -16.60 -2.14
N2 PUT C . -3.99 -3.74 14.34
C4 PUT C . -4.81 -2.55 14.69
C3 PUT C . -4.00 -1.28 14.52
C2 PUT C . -4.98 -0.08 14.49
C1 PUT C . -4.23 1.25 14.33
N1 PUT C . -5.20 2.27 13.88
HN21 PUT C . -3.93 -4.27 15.05
HN22 PUT C . -4.37 -4.17 13.67
H41 PUT C . -5.58 -2.51 14.11
H42 PUT C . -5.11 -2.62 15.61
H31 PUT C . -3.49 -1.30 13.69
H32 PUT C . -3.39 -1.18 15.27
H21 PUT C . -5.59 -0.19 13.75
H22 PUT C . -5.48 -0.06 15.33
H11 PUT C . -3.85 1.52 15.18
H12 PUT C . -3.52 1.17 13.67
HN11 PUT C . -5.27 2.89 14.52
HN12 PUT C . -4.90 2.65 13.14
C07 JFN D . -14.33 10.23 -4.76
C08 JFN D . -16.49 7.66 -5.81
C09 JFN D . -16.15 8.98 -5.00
C15 JFN D . -17.22 8.00 -7.17
N04 JFN D . -17.37 6.78 -4.99
O02 JFN D . -14.70 9.15 -5.23
H02 JFN D . -15.16 10.72 -4.70
H03 JFN D . -13.93 9.96 -3.92
H01 JFN D . -13.71 10.54 -5.45
H081 JFN D . -15.67 7.19 -6.03
H091 JFN D . -16.62 9.76 -5.33
H092 JFN D . -16.32 8.89 -4.05
H151 JFN D . -18.11 8.37 -7.08
H152 JFN D . -17.34 7.24 -7.77
H153 JFN D . -16.75 8.65 -7.73
H1 JFN D . -16.94 6.31 -4.37
H042 JFN D . -18.05 7.20 -4.62
C07 JFN E . -0.19 -8.56 8.26
C08 JFN E . -1.05 -6.59 5.48
C09 JFN E . -1.36 -7.65 6.60
C15 JFN E . -1.84 -5.26 5.72
N04 JFN E . -1.42 -7.13 4.15
O02 JFN E . -0.05 -7.92 7.21
H02 JFN E . -1.07 -8.95 8.15
H03 JFN E . -0.11 -7.87 8.94
H01 JFN E . 0.56 -9.18 8.21
H081 JFN E . -0.10 -6.39 5.47
H091 JFN E . -1.98 -7.31 7.26
H092 JFN E . -1.71 -8.48 6.24
H151 JFN E . -1.82 -4.96 6.63
H152 JFN E . -2.78 -5.32 5.51
H153 JFN E . -1.52 -4.51 5.20
H1 JFN E . -1.33 -6.55 3.47
H042 JFN E . -2.25 -7.46 4.11
C01 ONW F . -7.70 12.89 25.02
C02 ONW F . -7.84 13.16 26.51
C03 ONW F . -8.61 12.01 27.21
C05 ONW F . -8.70 9.86 26.21
C06 ONW F . -7.73 9.68 25.06
C07 ONW F . -9.95 8.98 25.99
C09 ONW F . -11.73 8.10 27.21
C10 ONW F . -12.14 8.02 28.69
C12 ONW F . -12.38 5.62 28.80
N13 ONW F . -8.57 14.41 26.78
O04 ONW F . -9.14 11.19 26.20
O08 ONW F . -10.65 9.02 27.20
O11 ONW F . -13.03 6.91 28.73
H012 ONW F . -7.35 13.67 24.55
H011 ONW F . -8.55 12.68 24.62
H013 ONW F . -7.09 12.16 24.86
H021 ONW F . -6.94 13.22 26.88
H031 ONW F . -9.33 12.33 27.78
H032 ONW F . -8.04 11.47 27.79
H051 ONW F . -8.29 9.60 27.06
H062 ONW F . -8.00 10.15 24.26
H061 ONW F . -7.63 8.74 24.80
H063 ONW F . -6.84 9.99 25.28
H072 ONW F . -10.50 9.31 25.26
H071 ONW F . -9.72 8.07 25.75
H091 ONW F . -11.48 7.23 26.87
H092 ONW F . -12.47 8.39 26.66
H102 ONW F . -12.58 8.84 28.97
H101 ONW F . -11.37 7.90 29.25
H121 ONW F . -12.94 4.94 29.20
H122 ONW F . -11.56 5.65 29.32
H123 ONW F . -12.13 5.29 27.92
H1 ONW F . -8.74 14.56 27.64
H132 ONW F . -8.21 15.13 26.40
N2 PUT G . 9.11 -2.76 -12.04
C4 PUT G . 8.39 -1.99 -13.10
C3 PUT G . 6.93 -2.43 -13.20
C2 PUT G . 6.16 -1.40 -14.08
C1 PUT G . 4.71 -1.80 -14.23
N1 PUT G . 3.92 -0.63 -14.67
HN21 PUT G . 9.43 -2.19 -11.45
HN22 PUT G . 9.77 -3.21 -12.41
H41 PUT G . 8.42 -1.05 -12.89
H42 PUT G . 8.82 -2.15 -13.96
H31 PUT G . 6.87 -3.31 -13.61
H32 PUT G . 6.53 -2.45 -12.32
H21 PUT G . 6.21 -0.53 -13.66
H22 PUT G . 6.57 -1.37 -14.96
H11 PUT G . 4.63 -2.50 -14.88
H12 PUT G . 4.36 -2.10 -13.37
HN11 PUT G . 3.59 -0.81 -15.49
HN12 PUT G . 3.24 -0.51 -14.12
C01 ONT H . -7.84 18.66 -2.78
C02 ONT H . -8.20 17.32 -3.46
C03 ONT H . -6.91 16.59 -4.08
C05 ONT H . -5.90 17.79 -5.95
C06 ONT H . -6.52 18.54 -7.23
C08 ONT H . -6.17 20.70 -8.25
N09 ONT H . -8.85 16.44 -2.47
O04 ONT H . -6.86 16.80 -5.52
O07 ONT H . -5.59 19.57 -7.64
H011 ONT H . -8.60 19.08 -2.36
H013 ONT H . -7.48 19.31 -3.39
H012 ONT H . -7.18 18.55 -2.08
H021 ONT H . -8.82 17.50 -4.18
H032 ONT H . -6.95 15.64 -3.88
H031 ONT H . -6.11 16.95 -3.66
H052 ONT H . -5.75 18.44 -5.24
H051 ONT H . -5.06 17.37 -6.18
H061 ONT H . -6.64 17.92 -7.96
H062 ONT H . -7.37 18.95 -7.01
H082 ONT H . -5.48 21.24 -8.65
H083 ONT H . -6.65 21.21 -7.57
H081 ONT H . -6.80 20.40 -8.93
H1 ONT H . -9.66 16.73 -2.23
H091 ONT H . -8.96 15.60 -2.75
C01 ONT I . 0.39 -1.38 -31.59
C02 ONT I . -0.38 -1.37 -30.20
C03 ONT I . 0.54 -1.83 -29.00
C05 ONT I . 2.79 -0.84 -29.00
C06 ONT I . 3.59 -0.29 -30.30
C08 ONT I . 5.84 0.30 -30.96
N09 ONT I . -1.58 -2.20 -30.33
O04 ONT I . 1.90 -1.87 -29.47
O07 ONT I . 4.92 0.05 -29.89
H011 ONT I . 0.80 -2.23 -31.77
H013 ONT I . 1.09 -0.71 -31.62
H012 ONT I . -0.20 -1.19 -32.34
H021 ONT I . -0.67 -0.46 -30.03
H032 ONT I . 0.26 -2.70 -28.69
H031 ONT I . 0.45 -1.21 -28.27
H052 ONT I . 2.28 -0.11 -28.60
H051 ONT I . 3.41 -1.20 -28.35
H061 ONT I . 3.63 -0.99 -30.98
H062 ONT I . 3.15 0.49 -30.67
H082 ONT I . 6.74 0.34 -30.60
H083 ONT I . 5.62 1.15 -31.37
H081 ONT I . 5.77 -0.42 -31.61
H1 ONT I . -2.12 -2.13 -29.62
H091 ONT I . -1.40 -3.07 -30.44
C07 JFN J . 10.85 -3.97 -3.97
C08 JFN J . 8.40 -1.75 -2.72
C09 JFN J . 8.87 -3.15 -3.24
C15 JFN J . 7.95 -1.80 -1.21
N04 JFN J . 7.24 -1.25 -3.50
O02 JFN J . 10.36 -3.03 -3.31
H02 JFN J . 11.63 -3.56 -4.37
H03 JFN J . 10.13 -4.19 -4.58
H01 JFN J . 11.03 -4.63 -3.29
H081 JFN J . 9.15 -1.14 -2.78
H091 JFN J . 8.62 -3.87 -2.65
H092 JFN J . 8.51 -3.35 -4.13
H151 JFN J . 7.15 -2.34 -1.04
H152 JFN J . 7.72 -0.94 -0.82
H153 JFN J . 8.61 -2.16 -0.59
H1 JFN J . 6.51 -1.74 -3.45
H042 JFN J . 7.42 -1.13 -4.36
#